data_8URQ
#
_entry.id   8URQ
#
_cell.length_a   1.00
_cell.length_b   1.00
_cell.length_c   1.00
_cell.angle_alpha   90.00
_cell.angle_beta   90.00
_cell.angle_gamma   90.00
#
_symmetry.space_group_name_H-M   'P 1'
#
loop_
_entity.id
_entity.type
_entity.pdbx_description
1 polymer 'Meiotic recombination protein REC104'
2 polymer 'Meiotic recombination protein REC102'
3 polymer 'Meiosis-specific protein SPO11'
4 polymer 'Antiviral protein SKI8'
5 polymer 'gapped DNA'
6 non-polymer 'MAGNESIUM ION'
#
loop_
_entity_poly.entity_id
_entity_poly.type
_entity_poly.pdbx_seq_one_letter_code
_entity_poly.pdbx_strand_id
1 'polypeptide(L)'
;MSIEEEDTNKITCTQDFLHQYFVTERVSIQFGLNNKTVKRINKDEFDKAVNCIMSWTNYPKPGLKRTASTYLLSNSFKKS
ATVSLPFILGDPVCMPKRVESNNNDTCLLYSDTLYDDPLIQRNDQAGDEIEDEFSFTLLRSEVNEIRPISSSSTAQILQS
DYSALMYERQASNGSIFQFSSP
;
F
2 'polypeptide(L)'
;MARDITFLTVFLESCGAVNNDEAGKLLSAWTSTVRIEGPESTDSNSLYIPLLPPGMLKIKLNFKMNDRLVTEEQELFTKL
REIVGSSIRFWEEQLFYQVQDVSTIENHVILSLKCTILTDAQISTFISKPRELHTHAKGYPEIYYLSELSTTVNFFSKEG
NYVEISQVIPHFNEYFSSLIVSQLEFEYPMVFSMISRLRLKWQQSSLAPISYALTSNSVLLPIMLNMIAQDKSSTTAYQI
LCRRRGPPIQNFQIFSLPAVTYNK
;
B
3 'polypeptide(L)'
;MALEGLRKKYKTRQELVKALTPKRRSIHLNSNGHSNGTPCSNADVLAHIKHFLSLAANSLEQHQQPISIVFQNKKKKGDT
NSPDIHTTLDFPLNGPHLSTHQFKLKRCAILLNLLKVVMEKLPLGKNTTVRDIFYSNVELFQRQANVVQWLDVIRFNFKL
SPRKSLNIIPAQKGLVYSPFPIDIYDNILTCENEPKMQKQTIFSGKPCLIPFFQDDAVIKLGTTSMCNIVIVEKEAVFTK
LVNNYHKLSTNTMLITGKGFPDFLTRLFLKKLEQYCSNLISDCSIFTDADPYGISIALNYTHSNERNAYICTMANYKGIR
ITQVLAQNNEVHNKSIQLLSLNQRDYSLAKNLIASLTANSWDIATSPLKNVVIECQREIFFQKKAEMNEIDAGIFKYKSR
HHHHHHHHHHGDYKDDDDKDYKDDDDKDYKDDDDK
;
A
4 'polypeptide(L)'
;MSKVFIATANAGKAHDADIFSVSACNSFTVSCSGDGYLKVWDNKLLDNENPKDKSYSHFVHKSGLHHVDVLQTIERDAFE
LCLVATTSFSGDLLFYRITREDETKKVIFEKLDLLDSDMKKHSFWALKWGASNDRLLSHRLVATDVKGTTYIWKFHPFAD
ESNSLTLNWSPTLELQGTVESPMTPSQFATSVDISERGLIATGFNNGTVQISELSTLRPLYNFESQHSMINNSNSIRSVK
FSPQGSLLAIAHDSNSFGCITLYETEFGERIGSLSVPTHSSQASLGEFAHSSWVMSLSFNDSGETLCSAGWDGKLRFWDV
KTKERITTLNMHCDDIEIEEDILAVDEHGDSLAEPGVFDVKFLKKGWRSGMGADLNESLCCVCLDRSIRWFREAGGK
;
C
5 'polydeoxyribonucleotide'
;(DT)(DA)(DG)(DG)(DC)(DC)(DG)(DT)(DC)(DG)(DG)(DC)(DT)(DA)(DC)(DT)(DA)(DA)(DA)(DA)
(DG)(DT)(DA)(DG)(DC)(DC)(DG)(DA)(DC)(DG)(DG)(DC)(DC)(DG)(DG)(DA)(DT)(DT)(DA)(DG)
(DC)(DA)(DA)(DT)(DG)(DT)(DA)(DA)(DT)(DC)(DG)(DT)(DC)(DT)(DT)(DA)(DA)(DG)(DA)(DC)
(DG)(DA)(DT)(DT)(DA)(DC)(DA)(DT)(DT)(DG)(DC)
;
D
#
# COMPACT_ATOMS: atom_id res chain seq x y z
N ASN A 9 -14.56 45.87 -24.92
CA ASN A 9 -13.44 45.24 -25.61
C ASN A 9 -13.93 44.06 -26.45
N LYS A 10 -13.00 43.32 -27.04
CA LYS A 10 -13.36 42.17 -27.85
C LYS A 10 -12.56 40.91 -27.48
N ILE A 11 -13.15 39.76 -27.77
CA ILE A 11 -12.52 38.50 -27.46
C ILE A 11 -11.50 38.19 -28.55
N THR A 12 -10.50 37.42 -28.20
CA THR A 12 -9.43 37.07 -29.11
C THR A 12 -9.87 35.94 -30.04
N CYS A 13 -9.39 34.76 -29.73
CA CYS A 13 -9.69 33.50 -30.37
C CYS A 13 -9.07 32.45 -29.47
N THR A 14 -9.66 31.26 -29.41
CA THR A 14 -9.12 30.22 -28.55
C THR A 14 -7.88 29.62 -29.16
N GLN A 15 -7.77 29.68 -30.48
CA GLN A 15 -6.60 29.18 -31.14
C GLN A 15 -5.65 30.32 -31.43
N ASP A 16 -6.10 31.59 -31.47
CA ASP A 16 -5.08 32.60 -31.72
C ASP A 16 -4.04 32.62 -30.60
N PHE A 17 -4.50 32.64 -29.35
CA PHE A 17 -3.58 32.49 -28.22
C PHE A 17 -2.92 31.13 -28.20
N LEU A 18 -3.65 30.09 -28.61
CA LEU A 18 -3.11 28.74 -28.62
C LEU A 18 -2.01 28.54 -29.66
N HIS A 19 -2.00 29.36 -30.72
CA HIS A 19 -0.98 29.27 -31.76
C HIS A 19 0.10 30.34 -31.65
N GLN A 20 -0.17 31.47 -31.00
CA GLN A 20 0.88 32.45 -30.76
C GLN A 20 1.98 31.87 -29.89
N TYR A 21 1.55 31.07 -28.91
CA TYR A 21 2.44 30.36 -27.99
C TYR A 21 2.64 28.94 -28.55
N PHE A 22 3.67 28.25 -28.10
CA PHE A 22 3.96 26.93 -28.65
C PHE A 22 3.40 25.74 -27.88
N VAL A 23 2.18 25.41 -28.24
CA VAL A 23 1.43 24.30 -27.65
C VAL A 23 1.55 23.11 -28.59
N THR A 24 1.83 21.94 -28.03
CA THR A 24 2.14 20.75 -28.84
C THR A 24 0.92 20.15 -29.53
N GLU A 25 -0.27 20.75 -29.37
CA GLU A 25 -1.43 20.48 -30.21
C GLU A 25 -2.07 19.13 -29.88
N ARG A 26 -1.42 18.35 -29.05
CA ARG A 26 -2.00 17.07 -28.65
C ARG A 26 -3.09 17.20 -27.58
N VAL A 27 -3.47 18.43 -27.22
CA VAL A 27 -4.49 18.69 -26.21
C VAL A 27 -5.89 18.51 -26.79
N SER A 28 -5.97 18.14 -28.08
CA SER A 28 -7.27 17.91 -28.69
C SER A 28 -8.02 16.78 -28.00
N ILE A 29 -7.30 15.73 -27.57
CA ILE A 29 -7.94 14.65 -26.84
C ILE A 29 -8.13 15.00 -25.37
N GLN A 30 -7.38 15.97 -24.85
CA GLN A 30 -7.51 16.36 -23.44
C GLN A 30 -8.39 17.58 -23.26
N PHE A 31 -8.07 18.67 -23.94
CA PHE A 31 -8.82 19.91 -23.81
C PHE A 31 -9.89 20.09 -24.88
N GLY A 32 -9.79 19.37 -26.00
CA GLY A 32 -10.78 19.49 -27.05
C GLY A 32 -10.91 20.89 -27.62
N LEU A 33 -9.87 21.71 -27.50
CA LEU A 33 -9.93 23.12 -27.85
C LEU A 33 -9.40 23.40 -29.26
N ASN A 34 -8.96 22.37 -29.98
CA ASN A 34 -8.34 22.52 -31.30
C ASN A 34 -9.36 22.13 -32.37
N ASN A 35 -10.02 23.13 -32.94
CA ASN A 35 -10.92 22.95 -34.09
C ASN A 35 -10.24 23.60 -35.29
N LYS A 36 -9.82 22.77 -36.25
CA LYS A 36 -9.09 23.25 -37.42
C LYS A 36 -10.00 23.87 -38.48
N THR A 37 -11.31 23.67 -38.39
CA THR A 37 -12.24 24.00 -39.48
C THR A 37 -12.26 25.48 -39.83
N VAL A 38 -12.26 26.38 -38.85
CA VAL A 38 -12.35 27.81 -39.11
C VAL A 38 -11.48 28.56 -38.12
N LYS A 39 -11.08 29.78 -38.49
CA LYS A 39 -10.24 30.62 -37.66
C LYS A 39 -10.79 32.04 -37.65
N ARG A 40 -10.08 32.93 -36.97
CA ARG A 40 -10.48 34.34 -36.92
C ARG A 40 -10.43 34.95 -38.32
N ILE A 41 -11.47 35.71 -38.64
CA ILE A 41 -11.62 36.37 -39.93
C ILE A 41 -11.72 37.87 -39.70
N ASN A 42 -10.97 38.64 -40.49
CA ASN A 42 -11.03 40.09 -40.39
C ASN A 42 -12.43 40.59 -40.78
N LYS A 43 -12.86 41.67 -40.13
CA LYS A 43 -14.22 42.15 -40.32
C LYS A 43 -14.44 42.68 -41.74
N ASP A 44 -13.44 43.36 -42.30
CA ASP A 44 -13.60 43.97 -43.62
C ASP A 44 -13.71 42.91 -44.71
N GLU A 45 -12.82 41.92 -44.70
CA GLU A 45 -12.87 40.88 -45.72
C GLU A 45 -14.12 40.04 -45.59
N PHE A 46 -14.54 39.73 -44.35
CA PHE A 46 -15.79 38.99 -44.15
C PHE A 46 -16.98 39.79 -44.66
N ASP A 47 -17.00 41.09 -44.40
CA ASP A 47 -18.11 41.93 -44.85
C ASP A 47 -18.17 41.99 -46.36
N LYS A 48 -17.03 42.19 -47.02
CA LYS A 48 -17.03 42.23 -48.47
C LYS A 48 -17.40 40.87 -49.06
N ALA A 49 -16.97 39.77 -48.43
CA ALA A 49 -17.32 38.45 -48.92
C ALA A 49 -18.83 38.20 -48.82
N VAL A 50 -19.43 38.54 -47.67
CA VAL A 50 -20.87 38.30 -47.55
C VAL A 50 -21.64 39.24 -48.47
N ASN A 51 -21.17 40.46 -48.67
CA ASN A 51 -21.81 41.36 -49.62
C ASN A 51 -21.77 40.78 -51.04
N CYS A 52 -20.62 40.22 -51.44
CA CYS A 52 -20.53 39.58 -52.74
C CYS A 52 -21.45 38.37 -52.84
N ILE A 53 -21.55 37.59 -51.75
CA ILE A 53 -22.43 36.42 -51.75
C ILE A 53 -23.88 36.84 -51.96
N MET A 54 -24.33 37.88 -51.24
CA MET A 54 -25.69 38.36 -51.43
C MET A 54 -25.90 38.95 -52.82
N SER A 55 -24.89 39.65 -53.34
CA SER A 55 -25.02 40.26 -54.66
C SER A 55 -25.09 39.22 -55.77
N TRP A 56 -24.42 38.08 -55.59
CA TRP A 56 -24.47 37.03 -56.60
C TRP A 56 -25.87 36.45 -56.73
N THR A 57 -26.54 36.22 -55.60
CA THR A 57 -27.87 35.63 -55.63
C THR A 57 -28.92 36.62 -56.13
N ASN A 58 -28.84 37.87 -55.67
CA ASN A 58 -29.86 38.89 -55.96
C ASN A 58 -31.26 38.41 -55.58
N ALA B 2 -26.79 53.63 -15.72
CA ALA B 2 -27.02 52.23 -16.07
C ALA B 2 -25.89 51.71 -16.97
N ARG B 3 -24.82 51.24 -16.35
CA ARG B 3 -23.68 50.70 -17.10
C ARG B 3 -24.04 49.35 -17.70
N ASP B 4 -23.74 49.18 -18.99
CA ASP B 4 -23.91 47.91 -19.68
C ASP B 4 -22.69 47.63 -20.53
N ILE B 5 -22.39 46.34 -20.71
CA ILE B 5 -21.21 45.89 -21.42
C ILE B 5 -21.66 45.01 -22.58
N THR B 6 -21.29 45.38 -23.80
CA THR B 6 -21.65 44.58 -24.96
C THR B 6 -20.41 44.20 -25.76
N PHE B 7 -19.94 42.96 -25.61
CA PHE B 7 -18.75 42.50 -26.34
C PHE B 7 -18.82 42.75 -27.84
N LEU B 8 -17.68 43.10 -28.43
CA LEU B 8 -17.62 43.39 -29.86
C LEU B 8 -17.84 42.17 -30.73
N THR B 9 -18.40 42.39 -31.91
CA THR B 9 -18.73 41.31 -32.83
C THR B 9 -17.55 40.63 -33.51
N VAL B 10 -17.09 39.52 -32.95
CA VAL B 10 -15.97 38.78 -33.52
C VAL B 10 -16.51 37.99 -34.72
N PHE B 11 -15.90 38.21 -35.88
CA PHE B 11 -16.40 37.63 -37.12
C PHE B 11 -15.85 36.22 -37.29
N LEU B 12 -16.41 35.31 -36.51
CA LEU B 12 -16.16 33.87 -36.64
C LEU B 12 -17.52 33.23 -36.90
N SER B 28 -20.18 32.46 -37.58
CA SER B 28 -20.14 33.60 -38.50
C SER B 28 -20.28 34.94 -37.77
N ALA B 29 -20.82 35.97 -38.42
CA ALA B 29 -20.80 37.26 -37.77
C ALA B 29 -21.76 37.36 -36.60
N TRP B 30 -21.29 37.21 -35.37
CA TRP B 30 -22.22 37.30 -34.25
C TRP B 30 -21.75 38.17 -33.07
N THR B 31 -22.60 38.36 -32.05
CA THR B 31 -22.29 39.23 -30.90
C THR B 31 -22.72 38.66 -29.55
N SER B 32 -22.53 39.42 -28.47
CA SER B 32 -22.93 38.99 -27.13
C SER B 32 -23.46 40.19 -26.32
N THR B 33 -23.75 40.00 -25.02
CA THR B 33 -24.29 41.05 -24.12
C THR B 33 -24.42 40.64 -22.65
N VAL B 34 -23.82 41.39 -21.73
CA VAL B 34 -23.96 41.08 -20.31
C VAL B 34 -24.74 42.18 -19.59
N ARG B 35 -25.96 41.89 -19.17
CA ARG B 35 -26.79 42.85 -18.48
C ARG B 35 -26.54 42.84 -17.00
N ILE B 36 -26.29 44.00 -16.40
CA ILE B 36 -26.02 44.02 -14.97
C ILE B 36 -26.99 44.89 -14.19
N GLU B 37 -27.37 44.40 -13.02
CA GLU B 37 -28.27 45.12 -12.14
C GLU B 37 -27.54 45.47 -10.85
N GLY B 38 -26.70 46.49 -10.92
CA GLY B 38 -25.93 46.93 -9.77
C GLY B 38 -25.86 48.43 -9.64
N PRO B 39 -25.36 48.90 -8.49
CA PRO B 39 -25.19 50.32 -8.19
C PRO B 39 -23.78 50.78 -8.48
N GLU B 40 -23.63 51.87 -9.22
CA GLU B 40 -22.32 52.42 -9.55
C GLU B 40 -22.29 53.90 -9.23
N ASN B 45 -11.94 46.63 -7.23
CA ASN B 45 -12.49 46.01 -6.03
C ASN B 45 -13.98 45.73 -6.18
N SER B 46 -14.31 44.68 -6.91
CA SER B 46 -15.70 44.29 -7.15
C SER B 46 -15.80 42.77 -7.25
N LEU B 47 -17.00 42.27 -7.01
CA LEU B 47 -17.27 40.83 -7.04
C LEU B 47 -18.55 40.61 -7.82
N TYR B 48 -18.47 39.86 -8.92
CA TYR B 48 -19.61 39.63 -9.79
C TYR B 48 -20.24 38.29 -9.46
N ILE B 49 -21.57 38.28 -9.34
CA ILE B 49 -22.29 37.13 -8.78
C ILE B 49 -23.50 36.82 -9.65
N PRO B 50 -23.77 35.54 -9.88
CA PRO B 50 -24.92 35.17 -10.70
C PRO B 50 -26.23 35.51 -10.02
N LEU B 51 -27.22 35.86 -10.83
CA LEU B 51 -28.53 36.23 -10.29
C LEU B 51 -29.22 35.02 -9.69
N LEU B 52 -29.84 35.21 -8.53
CA LEU B 52 -30.58 34.16 -7.83
C LEU B 52 -29.74 32.90 -7.62
N LEU B 57 -30.38 33.90 -14.27
CA LEU B 57 -29.34 33.77 -15.29
C LEU B 57 -29.87 33.04 -16.52
N LYS B 58 -30.29 33.82 -17.51
CA LYS B 58 -30.87 33.30 -18.75
C LYS B 58 -29.92 33.60 -19.90
N ILE B 59 -29.60 32.58 -20.68
CA ILE B 59 -28.66 32.68 -21.79
C ILE B 59 -29.46 32.65 -23.08
N LYS B 60 -29.63 33.82 -23.70
CA LYS B 60 -30.40 33.92 -24.94
C LYS B 60 -29.51 33.66 -26.15
N LEU B 61 -30.05 32.93 -27.12
CA LEU B 61 -29.32 32.63 -28.34
C LEU B 61 -30.16 32.88 -29.58
N ASN B 62 -30.81 34.04 -29.65
CA ASN B 62 -31.58 34.37 -30.85
C ASN B 62 -30.65 34.49 -32.05
N PHE B 63 -31.08 33.89 -33.17
CA PHE B 63 -30.24 33.79 -34.36
C PHE B 63 -30.40 35.01 -35.26
N LYS B 64 -31.62 35.54 -35.35
CA LYS B 64 -31.92 36.70 -36.18
C LYS B 64 -31.56 36.41 -37.63
N MET B 65 -31.99 35.25 -38.15
CA MET B 65 -31.70 34.85 -39.52
C MET B 65 -32.83 35.34 -40.43
N ASN B 66 -32.49 36.33 -41.25
CA ASN B 66 -33.45 36.87 -42.21
C ASN B 66 -33.73 35.85 -43.31
N GLN B 74 -39.03 23.51 -42.74
CA GLN B 74 -37.64 23.91 -42.61
C GLN B 74 -36.92 23.10 -41.54
N GLU B 75 -37.53 23.04 -40.34
CA GLU B 75 -37.01 22.30 -39.19
C GLU B 75 -35.70 22.91 -38.69
N LEU B 76 -35.28 24.02 -39.30
CA LEU B 76 -34.01 24.65 -38.93
C LEU B 76 -34.03 25.10 -37.47
N PHE B 77 -35.13 25.75 -37.05
CA PHE B 77 -35.24 26.18 -35.66
C PHE B 77 -35.23 24.97 -34.72
N THR B 78 -35.89 23.88 -35.12
CA THR B 78 -35.92 22.69 -34.28
C THR B 78 -34.53 22.10 -34.09
N LYS B 79 -33.76 21.96 -35.17
CA LYS B 79 -32.43 21.38 -35.03
C LYS B 79 -31.49 22.33 -34.28
N LEU B 80 -31.63 23.64 -34.51
CA LEU B 80 -30.79 24.59 -33.80
C LEU B 80 -31.09 24.56 -32.30
N ARG B 81 -32.37 24.47 -31.93
CA ARG B 81 -32.73 24.32 -30.53
C ARG B 81 -32.19 23.00 -29.98
N GLU B 82 -32.15 21.95 -30.81
CA GLU B 82 -31.58 20.68 -30.37
C GLU B 82 -30.10 20.84 -30.04
N ILE B 83 -29.33 21.51 -30.91
CA ILE B 83 -27.92 21.75 -30.60
C ILE B 83 -27.77 22.61 -29.36
N VAL B 84 -28.59 23.65 -29.23
CA VAL B 84 -28.50 24.54 -28.08
C VAL B 84 -28.74 23.75 -26.78
N GLY B 85 -29.76 22.90 -26.77
CA GLY B 85 -30.05 22.08 -25.62
C GLY B 85 -29.15 20.88 -25.45
N SER B 86 -28.28 20.62 -26.42
CA SER B 86 -27.30 19.56 -26.26
C SER B 86 -26.13 19.93 -25.35
N SER B 87 -26.12 21.13 -24.78
CA SER B 87 -25.03 21.59 -23.91
C SER B 87 -25.36 21.49 -22.43
N ILE B 88 -26.45 20.80 -22.07
CA ILE B 88 -26.75 20.61 -20.66
C ILE B 88 -25.62 19.84 -19.98
N ARG B 89 -24.99 18.91 -20.68
CA ARG B 89 -23.88 18.16 -20.09
C ARG B 89 -22.75 19.12 -19.73
N PHE B 90 -22.44 20.08 -20.61
CA PHE B 90 -21.48 21.12 -20.26
C PHE B 90 -21.93 21.92 -19.05
N TRP B 91 -23.09 22.55 -19.14
CA TRP B 91 -23.53 23.44 -18.06
C TRP B 91 -23.72 22.71 -16.73
N GLU B 92 -23.82 21.38 -16.73
CA GLU B 92 -24.00 20.64 -15.49
C GLU B 92 -22.77 19.88 -15.02
N GLU B 93 -21.75 19.71 -15.87
CA GLU B 93 -20.56 18.96 -15.49
C GLU B 93 -19.28 19.78 -15.55
N GLN B 94 -19.33 21.01 -16.06
CA GLN B 94 -18.16 21.86 -16.11
C GLN B 94 -18.36 23.17 -15.34
N LEU B 95 -19.44 23.89 -15.62
CA LEU B 95 -19.75 25.12 -14.91
C LEU B 95 -20.62 24.90 -13.68
N PHE B 96 -21.14 23.69 -13.48
CA PHE B 96 -21.94 23.33 -12.31
C PHE B 96 -23.16 24.25 -12.18
N TYR B 97 -24.03 24.17 -13.18
CA TYR B 97 -25.28 24.93 -13.20
C TYR B 97 -26.45 23.97 -13.07
N GLN B 98 -27.66 24.52 -13.12
CA GLN B 98 -28.89 23.74 -13.05
C GLN B 98 -29.88 24.32 -14.03
N VAL B 99 -30.13 23.60 -15.13
CA VAL B 99 -31.08 24.07 -16.13
C VAL B 99 -32.50 23.86 -15.63
N GLN B 100 -33.38 24.80 -15.96
CA GLN B 100 -34.79 24.72 -15.56
C GLN B 100 -35.72 24.72 -16.76
N ASP B 101 -35.55 25.66 -17.69
CA ASP B 101 -36.42 25.77 -18.85
C ASP B 101 -35.59 25.97 -20.11
N VAL B 102 -36.07 25.42 -21.22
CA VAL B 102 -35.49 25.65 -22.53
C VAL B 102 -36.53 26.37 -23.37
N SER B 103 -37.32 27.22 -22.71
CA SER B 103 -38.46 27.86 -23.35
C SER B 103 -38.02 28.79 -24.47
N THR B 104 -38.90 28.95 -25.46
CA THR B 104 -38.66 29.80 -26.62
C THR B 104 -39.68 30.93 -26.59
N ILE B 105 -39.22 32.16 -26.33
CA ILE B 105 -40.14 33.29 -26.38
C ILE B 105 -40.12 33.84 -27.80
N GLU B 106 -40.76 33.11 -28.71
CA GLU B 106 -41.14 33.56 -30.04
C GLU B 106 -39.96 33.93 -30.95
N ASN B 107 -38.76 34.08 -30.38
CA ASN B 107 -37.58 34.34 -31.19
C ASN B 107 -36.32 33.69 -30.64
N HIS B 108 -36.35 33.28 -29.37
CA HIS B 108 -35.14 32.96 -28.63
C HIS B 108 -35.12 31.50 -28.21
N VAL B 109 -33.94 31.06 -27.78
CA VAL B 109 -33.72 29.68 -27.33
C VAL B 109 -33.18 29.72 -25.90
N ILE B 110 -33.70 30.64 -25.10
CA ILE B 110 -33.15 30.95 -23.78
C ILE B 110 -33.05 29.70 -22.91
N LEU B 111 -32.09 29.71 -21.98
CA LEU B 111 -31.86 28.61 -21.05
C LEU B 111 -31.90 29.17 -19.63
N SER B 112 -32.93 28.80 -18.88
CA SER B 112 -33.03 29.21 -17.48
C SER B 112 -32.00 28.46 -16.67
N LEU B 113 -30.99 29.18 -16.18
CA LEU B 113 -29.89 28.59 -15.43
C LEU B 113 -29.89 29.11 -14.01
N LYS B 114 -29.88 28.19 -13.05
CA LYS B 114 -29.77 28.52 -11.63
C LYS B 114 -28.46 27.95 -11.11
N CYS B 115 -27.66 28.80 -10.46
CA CYS B 115 -26.35 28.38 -9.99
C CYS B 115 -26.47 27.34 -8.89
N THR B 116 -25.60 26.33 -8.93
CA THR B 116 -25.54 25.30 -7.92
C THR B 116 -24.60 25.66 -6.78
N ILE B 117 -23.57 26.45 -7.05
CA ILE B 117 -22.57 26.81 -6.04
C ILE B 117 -22.99 28.09 -5.34
N LEU B 118 -23.29 29.12 -6.12
CA LEU B 118 -23.61 30.45 -5.57
C LEU B 118 -25.12 30.57 -5.32
N THR B 119 -25.61 29.68 -4.45
CA THR B 119 -27.02 29.70 -4.09
C THR B 119 -27.33 30.93 -3.23
N ASP B 120 -28.62 31.25 -3.14
CA ASP B 120 -29.05 32.43 -2.38
C ASP B 120 -28.59 32.35 -0.93
N ALA B 121 -28.60 31.14 -0.35
CA ALA B 121 -28.09 30.98 1.01
C ALA B 121 -26.61 31.34 1.10
N GLN B 122 -25.80 30.85 0.17
CA GLN B 122 -24.39 31.21 0.15
C GLN B 122 -24.20 32.69 -0.17
N ILE B 123 -24.98 33.22 -1.11
CA ILE B 123 -24.89 34.63 -1.46
C ILE B 123 -25.12 35.50 -0.24
N SER B 124 -26.13 35.17 0.56
CA SER B 124 -26.34 35.90 1.81
C SER B 124 -25.20 35.67 2.80
N THR B 125 -24.88 34.41 3.10
CA THR B 125 -23.98 34.08 4.19
C THR B 125 -22.58 34.65 3.98
N PHE B 126 -22.03 34.53 2.77
CA PHE B 126 -20.64 34.90 2.54
C PHE B 126 -20.41 36.40 2.69
N ILE B 127 -21.31 37.22 2.14
CA ILE B 127 -21.05 38.65 2.01
C ILE B 127 -22.07 39.53 2.72
N SER B 128 -23.37 39.21 2.64
CA SER B 128 -24.39 40.15 3.11
C SER B 128 -24.28 40.40 4.62
N LYS B 129 -24.05 39.34 5.40
CA LYS B 129 -23.98 39.51 6.85
C LYS B 129 -22.86 40.43 7.29
N PRO B 130 -21.60 40.24 6.86
CA PRO B 130 -20.55 41.20 7.28
C PRO B 130 -20.65 42.55 6.60
N ARG B 131 -21.33 42.64 5.46
CA ARG B 131 -21.46 43.92 4.78
C ARG B 131 -22.31 44.92 5.56
N GLU B 132 -23.13 44.45 6.50
CA GLU B 132 -23.90 45.34 7.36
C GLU B 132 -23.58 45.18 8.84
N LEU B 133 -23.13 44.01 9.28
CA LEU B 133 -22.78 43.84 10.69
C LEU B 133 -21.52 44.62 11.05
N HIS B 134 -20.49 44.54 10.20
CA HIS B 134 -19.24 45.27 10.43
C HIS B 134 -19.27 46.58 9.62
N THR B 135 -20.10 47.50 10.08
CA THR B 135 -20.33 48.76 9.37
C THR B 135 -19.22 49.74 9.73
N HIS B 136 -18.26 49.91 8.82
CA HIS B 136 -17.16 50.85 8.98
C HIS B 136 -16.51 51.04 7.61
N ALA B 137 -15.41 51.78 7.56
CA ALA B 137 -14.64 51.96 6.33
C ALA B 137 -13.81 50.69 6.11
N LYS B 138 -14.50 49.63 5.68
CA LYS B 138 -13.88 48.32 5.58
C LYS B 138 -13.05 48.18 4.31
N GLY B 139 -13.59 48.61 3.17
CA GLY B 139 -12.98 48.38 1.89
C GLY B 139 -13.52 47.18 1.15
N TYR B 140 -14.74 46.76 1.46
CA TYR B 140 -15.35 45.60 0.82
C TYR B 140 -15.67 45.86 -0.65
N PRO B 141 -15.60 44.81 -1.48
CA PRO B 141 -15.94 44.98 -2.90
C PRO B 141 -17.45 45.11 -3.10
N GLU B 142 -17.83 46.10 -3.91
CA GLU B 142 -19.24 46.35 -4.21
C GLU B 142 -19.70 45.29 -5.19
N ILE B 143 -20.67 44.46 -4.75
CA ILE B 143 -21.15 43.35 -5.56
C ILE B 143 -22.13 43.84 -6.61
N TYR B 144 -21.82 43.58 -7.88
CA TYR B 144 -22.75 43.85 -8.97
C TYR B 144 -23.45 42.54 -9.34
N TYR B 145 -24.23 42.56 -10.42
CA TYR B 145 -25.03 41.41 -10.79
C TYR B 145 -24.98 41.24 -12.30
N LEU B 146 -25.50 40.10 -12.77
CA LEU B 146 -25.66 39.89 -14.20
C LEU B 146 -26.71 38.81 -14.41
N SER B 147 -27.60 39.03 -15.38
CA SER B 147 -28.71 38.13 -15.66
C SER B 147 -28.70 37.57 -17.07
N GLU B 148 -28.54 38.42 -18.08
CA GLU B 148 -28.77 38.05 -19.47
C GLU B 148 -27.46 37.96 -20.23
N LEU B 149 -27.31 36.92 -21.03
CA LEU B 149 -26.21 36.76 -21.97
C LEU B 149 -26.84 36.52 -23.35
N SER B 150 -27.14 37.60 -24.04
CA SER B 150 -27.86 37.54 -25.31
C SER B 150 -26.85 37.44 -26.45
N THR B 151 -26.70 36.24 -27.01
CA THR B 151 -25.84 36.05 -28.17
C THR B 151 -26.66 36.21 -29.45
N THR B 152 -26.00 36.75 -30.48
CA THR B 152 -26.64 37.06 -31.75
C THR B 152 -25.87 36.43 -32.90
N VAL B 153 -25.63 35.12 -32.80
CA VAL B 153 -24.91 34.40 -33.86
C VAL B 153 -25.74 34.46 -35.14
N ASN B 154 -25.16 35.05 -36.18
CA ASN B 154 -25.83 35.26 -37.46
C ASN B 154 -25.02 34.52 -38.53
N PHE B 155 -25.46 33.32 -38.88
CA PHE B 155 -24.76 32.53 -39.88
C PHE B 155 -25.04 33.08 -41.28
N PHE B 156 -24.06 32.87 -42.16
CA PHE B 156 -24.23 33.17 -43.59
C PHE B 156 -23.86 31.90 -44.36
N SER B 157 -24.86 31.08 -44.65
CA SER B 157 -24.63 29.84 -45.38
C SER B 157 -24.19 30.12 -46.80
N LYS B 158 -23.24 29.32 -47.29
CA LYS B 158 -22.70 29.54 -48.63
C LYS B 158 -23.76 29.32 -49.70
N GLU B 159 -24.57 28.26 -49.57
CA GLU B 159 -25.61 27.99 -50.55
C GLU B 159 -26.86 28.83 -50.34
N GLY B 160 -27.00 29.50 -49.20
CA GLY B 160 -28.15 30.34 -48.97
C GLY B 160 -29.07 29.86 -47.86
N ASN B 161 -30.34 29.59 -48.20
CA ASN B 161 -31.31 29.20 -47.17
C ASN B 161 -31.01 27.83 -46.59
N TYR B 162 -30.58 26.87 -47.41
CA TYR B 162 -30.31 25.53 -46.92
C TYR B 162 -29.01 25.50 -46.14
N VAL B 163 -28.95 24.59 -45.16
CA VAL B 163 -27.78 24.39 -44.33
C VAL B 163 -27.45 22.90 -44.30
N GLU B 164 -26.37 22.57 -43.60
CA GLU B 164 -25.95 21.19 -43.43
C GLU B 164 -25.68 20.96 -41.94
N ILE B 165 -26.06 19.77 -41.47
CA ILE B 165 -25.98 19.46 -40.05
C ILE B 165 -24.58 18.97 -39.73
N SER B 166 -24.16 19.16 -38.48
CA SER B 166 -22.82 18.87 -37.97
C SER B 166 -21.75 19.75 -38.62
N GLN B 167 -22.17 20.77 -39.36
CA GLN B 167 -21.22 21.68 -39.96
C GLN B 167 -21.06 22.93 -39.08
N VAL B 168 -21.92 23.08 -38.07
CA VAL B 168 -21.91 24.24 -37.19
C VAL B 168 -21.32 23.91 -35.83
N ILE B 169 -20.92 22.67 -35.59
CA ILE B 169 -20.26 22.34 -34.32
C ILE B 169 -18.97 23.11 -34.15
N PRO B 170 -18.06 23.19 -35.15
CA PRO B 170 -16.94 24.12 -35.02
C PRO B 170 -17.33 25.53 -35.43
N HIS B 171 -18.55 25.92 -35.04
CA HIS B 171 -18.97 27.30 -35.01
C HIS B 171 -19.74 27.64 -33.74
N PHE B 172 -20.36 26.65 -33.10
CA PHE B 172 -20.87 26.76 -31.74
C PHE B 172 -19.83 26.41 -30.69
N ASN B 173 -18.67 25.88 -31.11
CA ASN B 173 -17.59 25.55 -30.19
C ASN B 173 -16.40 26.48 -30.27
N GLU B 174 -16.29 27.29 -31.33
CA GLU B 174 -15.20 28.25 -31.46
C GLU B 174 -15.65 29.67 -31.20
N TYR B 175 -16.87 29.86 -30.72
CA TYR B 175 -17.35 31.13 -30.20
C TYR B 175 -17.60 31.05 -28.70
N PHE B 176 -18.38 30.07 -28.24
CA PHE B 176 -18.69 29.89 -26.83
C PHE B 176 -17.57 29.19 -26.08
N SER B 177 -16.41 29.02 -26.71
CA SER B 177 -15.17 28.70 -26.01
C SER B 177 -14.17 29.84 -26.07
N SER B 178 -14.11 30.54 -27.21
CA SER B 178 -13.25 31.72 -27.32
C SER B 178 -13.69 32.81 -26.36
N LEU B 179 -15.01 33.03 -26.25
CA LEU B 179 -15.51 34.07 -25.35
C LEU B 179 -15.24 33.72 -23.89
N ILE B 180 -15.36 32.44 -23.53
CA ILE B 180 -14.99 32.01 -22.20
C ILE B 180 -13.51 32.19 -21.94
N VAL B 181 -12.67 31.85 -22.92
CA VAL B 181 -11.22 31.89 -22.72
C VAL B 181 -10.72 33.33 -22.60
N SER B 182 -11.23 34.22 -23.45
CA SER B 182 -10.64 35.55 -23.57
C SER B 182 -10.98 36.44 -22.39
N GLN B 183 -12.26 36.72 -22.17
CA GLN B 183 -12.64 37.72 -21.18
C GLN B 183 -13.61 37.22 -20.13
N LEU B 184 -14.51 36.30 -20.47
CA LEU B 184 -15.53 35.88 -19.51
C LEU B 184 -14.96 35.09 -18.35
N GLU B 185 -13.71 34.63 -18.44
CA GLU B 185 -13.02 34.02 -17.32
C GLU B 185 -12.15 35.02 -16.56
N PHE B 186 -11.89 36.20 -17.14
CA PHE B 186 -11.08 37.22 -16.50
C PHE B 186 -11.92 38.24 -15.74
N GLU B 187 -12.85 38.91 -16.44
CA GLU B 187 -13.64 39.96 -15.81
C GLU B 187 -14.90 39.44 -15.12
N TYR B 188 -15.27 38.18 -15.34
CA TYR B 188 -16.40 37.59 -14.61
C TYR B 188 -16.04 36.15 -14.21
N PRO B 189 -15.07 35.98 -13.32
CA PRO B 189 -14.57 34.63 -13.01
C PRO B 189 -15.49 33.80 -12.13
N MET B 190 -16.70 34.27 -11.83
CA MET B 190 -17.62 33.55 -10.96
C MET B 190 -18.79 32.93 -11.68
N VAL B 191 -19.02 33.28 -12.94
CA VAL B 191 -20.23 32.88 -13.65
C VAL B 191 -19.96 32.11 -14.94
N PHE B 192 -18.84 32.37 -15.63
CA PHE B 192 -18.48 31.60 -16.81
C PHE B 192 -17.04 31.11 -16.74
N SER B 193 -16.56 30.74 -15.56
CA SER B 193 -15.23 30.18 -15.40
C SER B 193 -15.37 28.74 -14.92
N MET B 194 -14.76 27.79 -15.64
CA MET B 194 -14.81 26.41 -15.22
C MET B 194 -13.96 26.15 -13.99
N ILE B 195 -12.66 26.39 -14.10
CA ILE B 195 -11.71 26.00 -13.05
C ILE B 195 -11.87 26.88 -11.81
N SER B 196 -12.14 28.18 -11.99
CA SER B 196 -12.31 29.04 -10.82
C SER B 196 -13.54 28.65 -10.01
N ARG B 197 -14.66 28.36 -10.68
CA ARG B 197 -15.84 27.89 -9.95
C ARG B 197 -15.60 26.52 -9.34
N LEU B 198 -14.83 25.66 -10.03
CA LEU B 198 -14.49 24.37 -9.46
C LEU B 198 -13.69 24.54 -8.17
N ARG B 199 -12.70 25.44 -8.19
CA ARG B 199 -11.92 25.72 -6.98
C ARG B 199 -12.80 26.31 -5.88
N LEU B 200 -13.72 27.20 -6.24
CA LEU B 200 -14.61 27.80 -5.24
C LEU B 200 -15.47 26.73 -4.57
N LYS B 201 -16.07 25.84 -5.36
CA LYS B 201 -16.88 24.79 -4.77
C LYS B 201 -16.04 23.74 -4.06
N TRP B 202 -14.75 23.64 -4.39
CA TRP B 202 -13.86 22.75 -3.68
C TRP B 202 -13.45 23.29 -2.31
N GLN B 203 -13.24 24.60 -2.21
CA GLN B 203 -12.66 25.19 -1.00
C GLN B 203 -13.60 26.13 -0.26
N GLN B 204 -14.88 26.20 -0.62
CA GLN B 204 -15.80 27.06 0.10
C GLN B 204 -16.22 26.47 1.44
N SER B 205 -16.08 25.16 1.63
CA SER B 205 -16.44 24.56 2.90
C SER B 205 -15.56 25.08 4.03
N SER B 206 -14.25 25.11 3.80
CA SER B 206 -13.30 25.64 4.77
C SER B 206 -12.96 27.10 4.44
N LEU B 207 -13.99 27.93 4.33
CA LEU B 207 -13.83 29.35 4.06
C LEU B 207 -14.27 30.24 5.21
N ALA B 208 -15.26 29.82 5.98
CA ALA B 208 -15.65 30.51 7.20
C ALA B 208 -14.74 30.15 8.38
N PRO B 209 -14.45 28.86 8.62
CA PRO B 209 -13.59 28.53 9.78
C PRO B 209 -12.12 28.89 9.58
N ILE B 210 -11.71 29.34 8.41
CA ILE B 210 -10.34 29.79 8.22
C ILE B 210 -10.15 31.24 8.64
N SER B 211 -11.20 32.05 8.61
CA SER B 211 -11.17 33.39 9.19
C SER B 211 -11.69 33.42 10.61
N TYR B 212 -12.60 32.50 10.96
CA TYR B 212 -13.03 32.37 12.34
C TYR B 212 -11.89 31.96 13.26
N ALA B 213 -10.87 31.28 12.72
CA ALA B 213 -9.67 30.95 13.47
C ALA B 213 -8.56 31.97 13.28
N LEU B 214 -8.77 32.98 12.45
CA LEU B 214 -7.75 33.99 12.19
C LEU B 214 -8.02 35.30 12.89
N THR B 215 -9.28 35.73 12.97
CA THR B 215 -9.65 36.95 13.70
C THR B 215 -10.80 36.74 14.67
N SER B 216 -11.17 35.48 14.95
CA SER B 216 -12.32 35.16 15.81
C SER B 216 -13.57 35.88 15.35
N ASN B 217 -13.72 36.04 14.03
CA ASN B 217 -14.86 36.75 13.46
C ASN B 217 -15.07 36.22 12.04
N SER B 218 -15.89 36.91 11.26
CA SER B 218 -16.16 36.57 9.87
C SER B 218 -16.01 37.80 8.99
N VAL B 219 -15.10 38.69 9.36
CA VAL B 219 -14.91 39.94 8.63
C VAL B 219 -14.28 39.69 7.26
N LEU B 220 -13.35 38.73 7.17
CA LEU B 220 -12.57 38.54 5.96
C LEU B 220 -13.28 37.71 4.90
N LEU B 221 -14.52 37.28 5.14
CA LEU B 221 -15.21 36.47 4.15
C LEU B 221 -15.39 37.16 2.81
N PRO B 222 -15.92 38.39 2.72
CA PRO B 222 -16.00 39.05 1.41
C PRO B 222 -14.65 39.31 0.76
N ILE B 223 -13.62 39.65 1.54
CA ILE B 223 -12.30 39.89 0.97
C ILE B 223 -11.71 38.62 0.39
N MET B 224 -11.84 37.49 1.10
CA MET B 224 -11.35 36.22 0.58
C MET B 224 -12.14 35.77 -0.64
N LEU B 225 -13.46 35.94 -0.62
CA LEU B 225 -14.27 35.59 -1.78
C LEU B 225 -13.93 36.45 -2.99
N ASN B 226 -13.60 37.72 -2.78
CA ASN B 226 -13.17 38.56 -3.88
C ASN B 226 -11.77 38.18 -4.37
N MET B 227 -10.89 37.80 -3.45
CA MET B 227 -9.53 37.40 -3.82
C MET B 227 -9.54 36.12 -4.64
N ILE B 228 -10.42 35.18 -4.28
CA ILE B 228 -10.52 33.93 -5.05
C ILE B 228 -10.92 34.21 -6.49
N ALA B 229 -11.88 35.11 -6.69
CA ALA B 229 -12.25 35.52 -8.03
C ALA B 229 -11.11 36.25 -8.72
N GLN B 230 -10.42 37.12 -7.99
CA GLN B 230 -9.34 37.90 -8.57
C GLN B 230 -8.12 37.06 -8.90
N ASP B 231 -8.07 35.81 -8.45
CA ASP B 231 -6.96 34.93 -8.76
C ASP B 231 -6.89 34.70 -10.27
N LYS B 232 -5.68 34.84 -10.82
CA LYS B 232 -5.44 34.64 -12.24
C LYS B 232 -4.84 33.28 -12.56
N SER B 233 -4.33 32.57 -11.57
CA SER B 233 -3.68 31.28 -11.80
C SER B 233 -4.68 30.13 -11.86
N SER B 234 -5.96 30.42 -12.07
CA SER B 234 -6.98 29.40 -12.24
C SER B 234 -7.81 29.63 -13.50
N THR B 235 -7.44 30.58 -14.34
CA THR B 235 -8.11 30.76 -15.61
C THR B 235 -7.57 29.77 -16.64
N THR B 236 -8.34 29.57 -17.72
CA THR B 236 -7.94 28.62 -18.75
C THR B 236 -6.70 29.06 -19.51
N ALA B 237 -6.35 30.35 -19.47
CA ALA B 237 -5.16 30.82 -20.16
C ALA B 237 -3.89 30.29 -19.52
N TYR B 238 -3.82 30.37 -18.18
CA TYR B 238 -2.64 29.90 -17.46
C TYR B 238 -2.74 28.43 -17.07
N GLN B 239 -3.67 27.70 -17.66
CA GLN B 239 -3.83 26.28 -17.36
C GLN B 239 -3.42 25.37 -18.51
N ILE B 240 -3.52 25.82 -19.75
CA ILE B 240 -2.93 25.07 -20.86
C ILE B 240 -1.41 25.09 -20.74
N LEU B 241 -0.85 26.25 -20.37
CA LEU B 241 0.60 26.44 -20.29
C LEU B 241 1.11 26.04 -18.89
N CYS B 242 1.20 24.73 -18.69
CA CYS B 242 1.77 24.20 -17.45
C CYS B 242 2.35 22.82 -17.73
N ARG B 243 2.80 22.17 -16.65
CA ARG B 243 3.37 20.83 -16.77
C ARG B 243 2.33 19.79 -17.15
N ARG B 244 1.05 20.06 -16.90
CA ARG B 244 -0.07 19.23 -17.35
C ARG B 244 0.05 17.79 -16.85
N ARG B 245 -0.11 17.64 -15.54
CA ARG B 245 -0.05 16.33 -14.91
C ARG B 245 -1.32 15.52 -15.21
N GLY B 246 -2.45 16.20 -15.35
CA GLY B 246 -3.70 15.52 -15.63
C GLY B 246 -4.33 15.95 -16.93
N PRO B 247 -4.33 15.05 -17.91
CA PRO B 247 -4.97 15.34 -19.20
C PRO B 247 -6.47 15.55 -19.09
N PRO B 248 -7.24 14.58 -18.54
CA PRO B 248 -8.69 14.59 -18.83
C PRO B 248 -9.53 15.56 -17.99
N ILE B 249 -9.61 16.78 -18.47
CA ILE B 249 -10.43 17.84 -17.86
C ILE B 249 -10.67 18.91 -18.91
N GLN B 250 -11.68 19.73 -18.71
CA GLN B 250 -12.03 20.83 -19.62
C GLN B 250 -12.24 20.30 -21.05
N ASN B 251 -13.29 19.50 -21.20
CA ASN B 251 -13.60 18.89 -22.49
C ASN B 251 -13.81 19.96 -23.56
N PHE B 252 -14.55 21.02 -23.23
CA PHE B 252 -14.76 22.19 -24.06
C PHE B 252 -15.49 21.89 -25.37
N GLN B 253 -15.89 20.65 -25.60
CA GLN B 253 -16.59 20.27 -26.82
C GLN B 253 -18.10 20.39 -26.60
N ILE B 254 -18.55 21.64 -26.50
CA ILE B 254 -19.92 21.94 -26.14
C ILE B 254 -20.80 21.86 -27.38
N PHE B 255 -22.12 21.83 -27.17
CA PHE B 255 -23.10 21.80 -28.26
C PHE B 255 -22.85 20.60 -29.18
N SER B 256 -22.51 19.46 -28.60
CA SER B 256 -22.22 18.26 -29.36
C SER B 256 -23.49 17.74 -30.02
N LEU B 257 -23.37 17.32 -31.27
CA LEU B 257 -24.54 16.84 -32.01
C LEU B 257 -24.99 15.51 -31.42
N PRO B 258 -26.31 15.29 -31.21
CA PRO B 258 -26.83 14.01 -30.71
C PRO B 258 -26.64 12.88 -31.71
N ALA C 2 -9.72 40.84 -19.46
CA ALA C 2 -9.48 41.46 -20.76
C ALA C 2 -8.08 41.16 -21.26
N LEU C 3 -8.00 40.65 -22.49
CA LEU C 3 -6.72 40.31 -23.09
C LEU C 3 -6.04 41.50 -23.75
N GLU C 4 -6.75 42.61 -23.90
CA GLU C 4 -6.21 43.82 -24.54
C GLU C 4 -5.24 44.49 -23.58
N GLY C 5 -4.01 43.98 -23.56
CA GLY C 5 -3.00 44.48 -22.65
C GLY C 5 -2.22 43.35 -22.00
N LEU C 6 -2.75 42.14 -22.14
CA LEU C 6 -2.09 40.94 -21.64
C LEU C 6 -1.66 40.02 -22.77
N ARG C 7 -2.15 40.21 -23.98
CA ARG C 7 -1.69 39.35 -25.06
C ARG C 7 -0.79 40.06 -26.06
N LYS C 8 -1.05 41.35 -26.27
CA LYS C 8 -0.31 42.15 -27.23
C LYS C 8 0.88 42.88 -26.64
N LYS C 9 1.21 42.60 -25.40
CA LYS C 9 2.37 43.23 -24.77
C LYS C 9 3.31 42.17 -24.21
N TYR C 10 2.76 41.15 -23.55
CA TYR C 10 3.54 39.96 -23.25
C TYR C 10 3.35 38.93 -24.37
N LYS C 11 4.46 38.46 -24.93
CA LYS C 11 4.45 37.61 -26.11
C LYS C 11 5.36 36.41 -25.92
N THR C 12 5.20 35.72 -24.79
CA THR C 12 6.00 34.54 -24.50
C THR C 12 5.15 33.50 -23.79
N ARG C 13 5.36 32.22 -24.14
CA ARG C 13 4.64 31.13 -23.49
C ARG C 13 4.99 31.06 -22.02
N GLN C 14 6.28 31.02 -21.70
CA GLN C 14 6.75 31.21 -20.33
C GLN C 14 6.97 32.71 -20.11
N GLU C 15 7.59 33.06 -18.99
CA GLU C 15 7.92 34.45 -18.66
C GLU C 15 6.65 35.27 -18.48
N LEU C 16 5.49 34.65 -18.66
CA LEU C 16 4.19 35.27 -18.45
C LEU C 16 3.37 34.57 -17.38
N VAL C 17 3.33 33.23 -17.39
CA VAL C 17 2.63 32.50 -16.34
C VAL C 17 3.31 32.67 -15.00
N LYS C 18 4.59 33.07 -14.99
CA LYS C 18 5.32 33.32 -13.75
C LYS C 18 5.39 34.80 -13.39
N ALA C 19 5.29 35.70 -14.37
CA ALA C 19 5.32 37.12 -14.08
C ALA C 19 3.94 37.66 -13.74
N LEU C 20 2.94 37.33 -14.54
CA LEU C 20 1.56 37.74 -14.29
C LEU C 20 0.85 36.74 -13.38
N THR C 21 1.49 36.45 -12.25
CA THR C 21 1.03 35.62 -11.16
C THR C 21 0.86 36.49 -9.91
N PRO C 22 -0.24 36.33 -9.17
CA PRO C 22 -0.50 37.24 -8.05
C PRO C 22 0.64 37.22 -7.04
N LYS C 23 0.93 38.40 -6.49
CA LYS C 23 2.08 38.59 -5.61
C LYS C 23 1.85 37.81 -4.32
N ARG C 24 2.60 36.73 -4.14
CA ARG C 24 2.43 35.84 -3.02
C ARG C 24 3.41 36.20 -1.92
N ARG C 25 2.91 36.39 -0.70
CA ARG C 25 3.75 36.60 0.47
C ARG C 25 3.98 35.24 1.12
N SER C 26 5.07 34.58 0.72
CA SER C 26 5.42 33.29 1.29
C SER C 26 5.81 33.47 2.75
N ILE C 27 5.08 32.82 3.64
CA ILE C 27 5.24 33.02 5.07
C ILE C 27 5.73 31.73 5.71
N HIS C 28 6.83 31.81 6.44
CA HIS C 28 7.44 30.65 7.10
C HIS C 28 6.81 30.48 8.48
N LEU C 29 6.50 29.23 8.83
CA LEU C 29 5.94 28.94 10.14
C LEU C 29 6.91 29.28 11.27
N ASN C 30 8.20 28.99 11.09
CA ASN C 30 9.20 29.32 12.10
C ASN C 30 9.66 30.76 11.96
N SER C 31 9.26 31.61 12.91
CA SER C 31 9.63 33.03 12.91
C SER C 31 9.19 33.71 11.62
N CYS C 40 11.87 27.66 23.28
CA CYS C 40 11.48 26.55 24.13
C CYS C 40 10.78 27.06 25.40
N SER C 41 9.98 28.10 25.25
CA SER C 41 9.25 28.69 26.37
C SER C 41 7.85 29.06 25.92
N ASN C 42 6.95 29.17 26.89
CA ASN C 42 5.56 29.49 26.60
C ASN C 42 5.42 30.87 25.97
N ALA C 43 6.11 31.87 26.53
CA ALA C 43 6.00 33.23 26.02
C ALA C 43 6.56 33.34 24.61
N ASP C 44 7.67 32.66 24.34
CA ASP C 44 8.32 32.76 23.02
C ASP C 44 7.41 32.21 21.94
N VAL C 45 6.90 30.99 22.13
CA VAL C 45 6.01 30.39 21.14
C VAL C 45 4.71 31.16 21.04
N LEU C 46 4.22 31.68 22.18
CA LEU C 46 3.00 32.50 22.16
C LEU C 46 3.19 33.72 21.28
N ALA C 47 4.30 34.44 21.47
CA ALA C 47 4.55 35.65 20.70
C ALA C 47 4.75 35.34 19.21
N HIS C 48 5.49 34.27 18.90
CA HIS C 48 5.70 33.92 17.50
C HIS C 48 4.40 33.54 16.80
N ILE C 49 3.56 32.75 17.48
CA ILE C 49 2.30 32.34 16.86
C ILE C 49 1.38 33.54 16.69
N LYS C 50 1.36 34.44 17.69
CA LYS C 50 0.55 35.65 17.56
C LYS C 50 1.04 36.52 16.41
N HIS C 51 2.37 36.60 16.23
CA HIS C 51 2.91 37.36 15.11
C HIS C 51 2.48 36.75 13.79
N PHE C 52 2.54 35.42 13.68
CA PHE C 52 2.06 34.74 12.48
C PHE C 52 0.59 35.09 12.22
N LEU C 53 -0.26 34.94 13.23
CA LEU C 53 -1.69 35.17 13.03
C LEU C 53 -1.98 36.60 12.63
N SER C 54 -1.36 37.57 13.31
CA SER C 54 -1.59 38.97 13.00
C SER C 54 -1.06 39.34 11.61
N LEU C 55 0.12 38.83 11.25
CA LEU C 55 0.69 39.13 9.94
C LEU C 55 -0.12 38.51 8.81
N ALA C 56 -0.73 37.35 9.05
CA ALA C 56 -1.64 36.79 8.06
C ALA C 56 -2.92 37.60 7.96
N ALA C 57 -3.50 37.97 9.12
CA ALA C 57 -4.80 38.64 9.13
C ALA C 57 -4.71 40.02 8.49
N ASN C 58 -3.73 40.83 8.89
CA ASN C 58 -3.63 42.18 8.34
C ASN C 58 -3.28 42.14 6.85
N SER C 59 -2.46 41.17 6.44
CA SER C 59 -2.15 41.02 5.02
C SER C 59 -3.39 40.67 4.21
N LEU C 60 -4.24 39.78 4.72
CA LEU C 60 -5.49 39.48 4.02
C LEU C 60 -6.42 40.69 4.01
N GLU C 61 -6.45 41.45 5.11
CA GLU C 61 -7.45 42.52 5.23
C GLU C 61 -7.07 43.76 4.44
N GLN C 62 -5.92 44.37 4.77
CA GLN C 62 -5.57 45.65 4.19
C GLN C 62 -4.94 45.50 2.81
N HIS C 63 -3.79 44.82 2.75
CA HIS C 63 -3.03 44.75 1.50
C HIS C 63 -3.66 43.79 0.48
N GLN C 64 -4.54 42.89 0.91
CA GLN C 64 -5.12 41.87 0.05
C GLN C 64 -3.99 41.07 -0.62
N GLN C 65 -3.28 40.31 0.21
CA GLN C 65 -2.12 39.54 -0.24
C GLN C 65 -2.44 38.06 -0.16
N PRO C 66 -2.39 37.32 -1.26
CA PRO C 66 -2.59 35.87 -1.17
C PRO C 66 -1.47 35.19 -0.40
N ILE C 67 -1.78 34.71 0.81
CA ILE C 67 -0.75 34.13 1.65
C ILE C 67 -0.27 32.80 1.08
N SER C 68 0.95 32.42 1.45
CA SER C 68 1.56 31.16 1.02
C SER C 68 2.29 30.59 2.22
N ILE C 69 1.61 29.72 2.97
CA ILE C 69 2.21 29.12 4.15
C ILE C 69 3.23 28.07 3.72
N VAL C 70 4.47 28.23 4.17
CA VAL C 70 5.54 27.31 3.87
C VAL C 70 6.21 26.91 5.18
N PHE C 71 6.49 25.62 5.32
CA PHE C 71 7.03 25.10 6.57
C PHE C 71 7.85 23.85 6.26
N GLN C 72 8.51 23.34 7.29
CA GLN C 72 9.30 22.14 7.19
C GLN C 72 8.52 20.94 7.72
N ASN C 73 8.79 19.77 7.15
CA ASN C 73 8.14 18.53 7.54
C ASN C 73 9.21 17.53 7.98
N LYS C 74 8.74 16.40 8.50
CA LYS C 74 9.65 15.44 9.14
C LYS C 74 10.68 14.93 8.15
N LYS C 75 11.95 15.03 8.54
CA LYS C 75 13.05 14.67 7.64
C LYS C 75 13.14 13.16 7.50
N LYS C 76 13.28 12.69 6.27
CA LYS C 76 13.40 11.26 6.00
C LYS C 76 14.83 10.79 6.16
N HIS C 86 9.39 19.81 0.10
CA HIS C 86 8.79 20.76 1.04
C HIS C 86 7.39 21.11 0.57
N THR C 87 6.45 21.19 1.51
CA THR C 87 5.04 21.40 1.22
C THR C 87 4.66 22.84 1.54
N THR C 88 4.06 23.52 0.56
CA THR C 88 3.56 24.88 0.70
C THR C 88 2.05 24.87 0.50
N LEU C 89 1.32 25.46 1.44
CA LEU C 89 -0.14 25.49 1.41
C LEU C 89 -0.58 26.89 1.00
N ASP C 90 -0.72 27.10 -0.30
CA ASP C 90 -1.22 28.37 -0.81
C ASP C 90 -2.69 28.53 -0.48
N PHE C 91 -3.11 29.76 -0.17
CA PHE C 91 -4.49 29.96 0.24
C PHE C 91 -5.48 29.80 -0.92
N PRO C 92 -5.44 30.64 -1.98
CA PRO C 92 -6.49 30.53 -3.00
C PRO C 92 -6.16 29.48 -4.05
N LEU C 93 -5.61 28.34 -3.60
CA LEU C 93 -5.19 27.25 -4.48
C LEU C 93 -4.61 27.78 -5.79
N ASN C 94 -3.68 28.72 -5.67
CA ASN C 94 -3.17 29.46 -6.81
C ASN C 94 -2.12 28.70 -7.61
N GLY C 95 -2.04 27.38 -7.46
CA GLY C 95 -1.18 26.59 -8.30
C GLY C 95 -1.79 26.41 -9.67
N PRO C 96 -1.07 26.83 -10.72
CA PRO C 96 -1.60 26.76 -12.07
C PRO C 96 -1.39 25.40 -12.62
N HIS C 97 -2.01 24.44 -11.96
CA HIS C 97 -1.94 23.05 -12.36
C HIS C 97 -3.04 22.37 -11.60
N LEU C 98 -4.25 22.34 -12.15
CA LEU C 98 -5.39 21.75 -11.46
C LEU C 98 -5.34 20.25 -11.15
N SER C 99 -4.43 19.78 -10.30
CA SER C 99 -4.32 18.37 -10.01
C SER C 99 -5.60 17.82 -9.40
N THR C 100 -5.99 16.61 -9.77
CA THR C 100 -7.20 16.02 -9.22
C THR C 100 -7.08 15.94 -7.73
N HIS C 101 -5.91 15.57 -7.23
CA HIS C 101 -5.75 15.53 -5.79
C HIS C 101 -5.33 16.90 -5.37
N GLN C 102 -6.30 17.79 -5.11
CA GLN C 102 -5.96 19.16 -4.74
C GLN C 102 -6.79 19.82 -3.62
N PHE C 103 -7.53 19.05 -2.86
CA PHE C 103 -8.28 19.64 -1.78
C PHE C 103 -7.29 20.03 -0.70
N LYS C 104 -6.60 21.16 -0.93
CA LYS C 104 -5.57 21.67 -0.06
C LYS C 104 -6.05 22.70 0.93
N LEU C 105 -7.31 23.13 0.87
CA LEU C 105 -7.73 24.11 1.85
C LEU C 105 -8.32 23.48 3.07
N LYS C 106 -8.40 22.17 3.10
CA LYS C 106 -8.89 21.53 4.28
C LYS C 106 -7.72 21.17 5.18
N ARG C 107 -6.49 21.35 4.70
CA ARG C 107 -5.32 21.10 5.49
C ARG C 107 -4.88 22.42 6.05
N CYS C 108 -5.13 23.48 5.29
CA CYS C 108 -4.74 24.83 5.72
C CYS C 108 -5.69 25.34 6.81
N ALA C 109 -6.99 25.05 6.67
CA ALA C 109 -7.96 25.48 7.66
C ALA C 109 -7.92 24.64 8.94
N ILE C 110 -7.18 23.53 8.95
CA ILE C 110 -6.95 22.77 10.17
C ILE C 110 -5.69 23.32 10.82
N LEU C 111 -4.70 23.65 9.99
CA LEU C 111 -3.49 24.29 10.50
C LEU C 111 -3.82 25.60 11.22
N LEU C 112 -4.55 26.48 10.54
CA LEU C 112 -4.90 27.78 11.10
C LEU C 112 -5.93 27.69 12.21
N ASN C 113 -6.66 26.57 12.32
CA ASN C 113 -7.57 26.36 13.43
C ASN C 113 -6.89 25.81 14.67
N LEU C 114 -5.89 24.93 14.49
CA LEU C 114 -5.06 24.52 15.62
C LEU C 114 -4.19 25.67 16.12
N LEU C 115 -3.75 26.55 15.22
CA LEU C 115 -2.99 27.72 15.64
C LEU C 115 -3.84 28.71 16.44
N LYS C 116 -5.16 28.54 16.46
CA LYS C 116 -6.05 29.34 17.30
C LYS C 116 -6.32 28.65 18.64
N VAL C 117 -6.44 27.32 18.64
CA VAL C 117 -6.59 26.60 19.89
C VAL C 117 -5.32 26.72 20.72
N VAL C 118 -4.16 26.75 20.08
CA VAL C 118 -2.91 26.98 20.81
C VAL C 118 -2.94 28.33 21.50
N MET C 119 -3.39 29.36 20.78
CA MET C 119 -3.60 30.68 21.37
C MET C 119 -4.59 30.67 22.53
N GLU C 120 -5.69 29.94 22.41
CA GLU C 120 -6.70 29.91 23.45
C GLU C 120 -6.34 29.03 24.64
N LYS C 121 -5.33 28.17 24.51
CA LYS C 121 -4.96 27.29 25.60
C LYS C 121 -3.61 27.58 26.25
N LEU C 122 -2.71 28.31 25.57
CA LEU C 122 -1.40 28.59 26.18
C LEU C 122 -1.49 29.45 27.43
N PRO C 123 -2.19 30.59 27.44
CA PRO C 123 -2.18 31.42 28.66
C PRO C 123 -2.79 30.75 29.88
N LEU C 124 -3.73 29.82 29.69
CA LEU C 124 -4.30 29.10 30.82
C LEU C 124 -3.31 28.17 31.50
N GLY C 125 -2.33 27.64 30.76
CA GLY C 125 -1.34 26.76 31.34
C GLY C 125 -1.86 25.41 31.73
N LYS C 126 -3.01 24.99 31.19
CA LYS C 126 -3.57 23.67 31.42
C LYS C 126 -3.63 22.94 30.09
N ASN C 127 -2.97 21.79 30.01
CA ASN C 127 -2.90 21.07 28.75
C ASN C 127 -4.26 20.44 28.42
N THR C 128 -4.55 20.37 27.13
CA THR C 128 -5.79 19.79 26.63
C THR C 128 -5.46 18.66 25.67
N THR C 129 -6.23 17.58 25.73
CA THR C 129 -5.96 16.41 24.92
C THR C 129 -6.34 16.67 23.45
N VAL C 130 -5.79 15.83 22.57
CA VAL C 130 -6.13 15.93 21.15
C VAL C 130 -7.60 15.57 20.93
N ARG C 131 -8.10 14.59 21.69
CA ARG C 131 -9.47 14.14 21.49
C ARG C 131 -10.48 15.23 21.79
N ASP C 132 -10.27 16.00 22.86
CA ASP C 132 -11.18 17.11 23.15
C ASP C 132 -11.15 18.17 22.07
N ILE C 133 -9.96 18.48 21.55
CA ILE C 133 -9.84 19.46 20.48
C ILE C 133 -10.58 18.96 19.23
N PHE C 134 -10.42 17.68 18.91
CA PHE C 134 -11.14 17.11 17.77
C PHE C 134 -12.65 17.17 17.97
N TYR C 135 -13.12 16.79 19.15
CA TYR C 135 -14.56 16.77 19.41
C TYR C 135 -15.15 18.17 19.52
N SER C 136 -14.32 19.19 19.74
CA SER C 136 -14.82 20.56 19.71
C SER C 136 -15.29 20.95 18.31
N ASN C 137 -14.56 20.53 17.28
CA ASN C 137 -14.86 20.89 15.90
C ASN C 137 -14.77 19.65 15.01
N VAL C 138 -15.52 18.61 15.38
CA VAL C 138 -15.45 17.34 14.66
C VAL C 138 -15.87 17.50 13.20
N GLU C 139 -16.86 18.37 12.93
CA GLU C 139 -17.34 18.55 11.56
C GLU C 139 -16.31 19.21 10.66
N LEU C 140 -15.24 19.74 11.24
CA LEU C 140 -14.16 20.42 10.50
C LEU C 140 -12.92 19.56 10.35
N PHE C 141 -12.38 19.09 11.47
CA PHE C 141 -11.21 18.22 11.44
C PHE C 141 -11.52 16.87 10.81
N GLN C 142 -12.70 16.31 11.12
CA GLN C 142 -13.25 15.11 10.50
C GLN C 142 -12.52 13.84 10.91
N ARG C 143 -11.41 13.96 11.65
CA ARG C 143 -10.62 12.81 12.08
C ARG C 143 -9.62 13.21 13.16
N GLN C 144 -9.42 12.38 14.17
CA GLN C 144 -8.48 12.66 15.24
C GLN C 144 -7.03 12.40 14.81
N ALA C 145 -6.85 11.67 13.71
CA ALA C 145 -5.52 11.49 13.15
C ALA C 145 -5.01 12.74 12.46
N ASN C 146 -5.90 13.50 11.80
CA ASN C 146 -5.49 14.74 11.15
C ASN C 146 -4.96 15.76 12.15
N VAL C 147 -5.62 15.88 13.30
CA VAL C 147 -5.16 16.83 14.32
C VAL C 147 -3.76 16.47 14.79
N VAL C 148 -3.52 15.18 15.05
CA VAL C 148 -2.19 14.74 15.48
C VAL C 148 -1.16 14.98 14.38
N GLN C 149 -1.52 14.68 13.14
CA GLN C 149 -0.59 14.86 12.03
C GLN C 149 -0.17 16.31 11.91
N TRP C 150 -1.13 17.24 11.99
CA TRP C 150 -0.80 18.66 11.90
C TRP C 150 -0.19 19.21 13.17
N LEU C 151 -0.37 18.54 14.31
CA LEU C 151 0.31 18.97 15.53
C LEU C 151 1.79 18.60 15.48
N ASP C 152 2.11 17.40 14.98
CA ASP C 152 3.48 16.93 14.87
C ASP C 152 4.28 17.65 13.79
N VAL C 153 3.66 18.60 13.08
CA VAL C 153 4.35 19.43 12.10
C VAL C 153 4.67 20.80 12.67
N ILE C 154 3.69 21.47 13.28
CA ILE C 154 3.95 22.73 13.97
C ILE C 154 4.76 22.54 15.25
N ARG C 155 4.85 21.31 15.78
CA ARG C 155 5.76 21.06 16.87
C ARG C 155 7.21 21.00 16.39
N PHE C 156 7.43 20.36 15.24
CA PHE C 156 8.79 20.24 14.72
C PHE C 156 9.27 21.59 14.19
N ASN C 157 8.42 22.29 13.44
CA ASN C 157 8.79 23.59 12.89
C ASN C 157 9.10 24.62 13.96
N PHE C 158 8.82 24.32 15.23
CA PHE C 158 9.08 25.22 16.34
C PHE C 158 10.20 24.71 17.23
N LYS C 159 10.97 23.73 16.76
CA LYS C 159 12.12 23.14 17.48
C LYS C 159 11.73 22.69 18.89
N LEU C 160 10.48 22.29 19.05
CA LEU C 160 9.99 21.72 20.29
C LEU C 160 9.91 20.21 20.18
N SER C 161 10.01 19.55 21.33
CA SER C 161 9.90 18.09 21.36
C SER C 161 8.46 17.67 21.06
N PRO C 162 8.26 16.63 20.24
CA PRO C 162 6.90 16.19 19.93
C PRO C 162 6.08 15.83 21.17
N ARG C 163 6.75 15.38 22.22
CA ARG C 163 6.08 14.90 23.43
C ARG C 163 5.96 15.99 24.47
N LYS C 164 7.07 16.61 24.89
CA LYS C 164 7.03 17.80 25.73
C LYS C 164 6.81 18.99 24.81
N SER C 165 5.58 19.48 24.75
CA SER C 165 5.19 20.40 23.69
C SER C 165 4.23 21.44 24.26
N LEU C 166 3.56 22.16 23.35
CA LEU C 166 2.74 23.33 23.68
C LEU C 166 1.38 22.97 24.29
N ASN C 167 1.41 22.21 25.38
CA ASN C 167 0.22 21.96 26.21
C ASN C 167 -0.87 21.19 25.44
N ILE C 168 -0.45 20.14 24.73
CA ILE C 168 -1.38 19.19 24.12
C ILE C 168 -0.84 17.79 24.38
N ILE C 169 -1.72 16.90 24.86
CA ILE C 169 -1.27 15.64 25.44
C ILE C 169 -2.05 14.50 24.81
N PRO C 170 -1.49 13.27 24.82
CA PRO C 170 -2.25 12.08 24.43
C PRO C 170 -3.47 11.84 25.31
N ALA C 171 -4.24 10.79 25.01
CA ALA C 171 -5.53 10.57 25.64
C ALA C 171 -5.56 9.27 26.44
N GLN C 172 -4.39 8.80 26.89
CA GLN C 172 -4.29 7.68 27.84
C GLN C 172 -4.97 6.41 27.30
N LYS C 173 -4.40 5.89 26.22
CA LYS C 173 -4.91 4.63 25.68
C LYS C 173 -4.50 3.44 26.54
N GLY C 174 -3.20 3.28 26.75
CA GLY C 174 -2.67 2.15 27.50
C GLY C 174 -3.16 2.07 28.93
N LEU C 175 -3.43 0.84 29.33
CA LEU C 175 -3.99 0.47 30.62
C LEU C 175 -3.12 -0.48 31.42
N VAL C 176 -3.00 -0.26 32.72
CA VAL C 176 -2.07 -1.09 33.49
C VAL C 176 -2.79 -1.69 34.68
N TYR C 177 -2.53 -2.97 34.95
CA TYR C 177 -2.95 -3.65 36.16
C TYR C 177 -1.72 -3.90 37.03
N SER C 178 -1.75 -3.39 38.25
CA SER C 178 -0.63 -3.59 39.13
C SER C 178 -1.14 -3.88 40.50
N PRO C 179 -0.53 -4.83 41.18
CA PRO C 179 -0.88 -5.27 42.53
C PRO C 179 -0.24 -4.47 43.66
N PHE C 180 0.44 -3.37 43.33
CA PHE C 180 1.07 -2.50 44.31
C PHE C 180 0.94 -1.07 43.82
N PRO C 181 0.69 -0.13 44.73
CA PRO C 181 0.51 1.25 44.32
C PRO C 181 1.76 1.95 43.83
N ILE C 182 1.94 2.02 42.52
CA ILE C 182 3.10 2.74 42.01
C ILE C 182 2.75 4.20 42.12
N ASP C 183 3.78 5.03 42.34
CA ASP C 183 3.62 6.47 42.53
C ASP C 183 4.45 7.32 41.59
N ILE C 184 3.84 8.03 40.66
CA ILE C 184 4.59 8.89 39.76
C ILE C 184 4.88 10.19 40.49
N TYR C 185 5.91 10.93 40.08
CA TYR C 185 6.27 12.20 40.71
C TYR C 185 6.67 13.20 39.66
N ASP C 186 5.72 13.98 39.18
CA ASP C 186 6.01 14.95 38.16
C ASP C 186 5.91 16.35 38.72
N ASN C 187 6.89 17.18 38.44
CA ASN C 187 6.79 18.56 38.88
C ASN C 187 6.11 19.28 37.72
N ILE C 188 4.80 19.16 37.70
CA ILE C 188 3.93 19.76 36.71
C ILE C 188 3.89 21.23 36.93
N GLN C 198 3.40 17.26 43.53
CA GLN C 198 2.22 16.75 42.85
C GLN C 198 2.48 15.35 42.33
N LYS C 199 1.63 14.40 42.69
CA LYS C 199 1.84 13.03 42.24
C LYS C 199 0.57 12.22 42.01
N GLN C 200 0.53 11.55 40.86
CA GLN C 200 -0.56 10.65 40.51
C GLN C 200 -0.26 9.30 41.14
N THR C 201 -1.23 8.40 41.18
CA THR C 201 -0.95 7.10 41.80
C THR C 201 -1.75 5.94 41.24
N ILE C 202 -1.08 4.99 40.61
CA ILE C 202 -1.78 3.85 40.09
C ILE C 202 -2.14 3.03 41.30
N PHE C 203 -3.36 2.53 41.37
CA PHE C 203 -3.80 1.79 42.54
C PHE C 203 -3.75 0.30 42.38
N SER C 204 -3.57 -0.41 43.47
CA SER C 204 -3.46 -1.86 43.43
C SER C 204 -4.78 -2.56 43.16
N GLY C 205 -4.78 -3.43 42.17
CA GLY C 205 -5.96 -4.21 41.83
C GLY C 205 -7.12 -3.42 41.29
N LYS C 206 -6.91 -2.70 40.20
CA LYS C 206 -7.97 -1.92 39.56
C LYS C 206 -7.51 -1.60 38.16
N PRO C 207 -7.78 -2.50 37.22
CA PRO C 207 -7.35 -2.28 35.83
C PRO C 207 -7.71 -0.90 35.23
N CYS C 208 -6.93 0.11 35.57
CA CYS C 208 -7.15 1.47 35.13
C CYS C 208 -6.19 1.86 34.07
N LEU C 209 -6.36 3.06 33.51
CA LEU C 209 -5.42 3.52 32.51
C LEU C 209 -4.10 3.92 33.15
N ILE C 210 -3.03 3.85 32.38
CA ILE C 210 -1.74 4.31 32.87
C ILE C 210 -1.81 5.81 33.10
N PRO C 211 -1.42 6.31 34.27
CA PRO C 211 -1.52 7.75 34.53
C PRO C 211 -0.60 8.53 33.60
N PHE C 212 -0.96 9.80 33.39
CA PHE C 212 -0.19 10.66 32.50
C PHE C 212 0.85 11.43 33.30
N PHE C 213 2.03 11.61 32.73
CA PHE C 213 3.10 12.37 33.37
C PHE C 213 4.05 12.80 32.29
N GLN C 214 4.81 13.84 32.58
CA GLN C 214 5.77 14.41 31.65
C GLN C 214 7.09 13.64 31.74
N ASP C 215 8.05 14.01 30.91
CA ASP C 215 9.29 13.25 30.77
C ASP C 215 10.31 13.68 31.85
N ASP C 216 9.85 13.64 33.10
CA ASP C 216 10.74 13.89 34.23
C ASP C 216 10.43 13.08 35.48
N ALA C 217 9.33 12.32 35.50
CA ALA C 217 8.83 11.77 36.75
C ALA C 217 9.71 10.65 37.29
N VAL C 218 9.90 10.68 38.61
CA VAL C 218 10.61 9.60 39.33
C VAL C 218 9.54 8.61 39.79
N ILE C 219 9.44 7.49 39.05
CA ILE C 219 8.43 6.48 39.34
C ILE C 219 8.87 5.64 40.54
N LYS C 220 7.94 5.42 41.48
CA LYS C 220 8.21 4.68 42.69
C LYS C 220 7.29 3.46 42.77
N LEU C 221 7.84 2.32 43.17
CA LEU C 221 7.08 1.09 43.37
C LEU C 221 6.70 0.96 44.84
N GLY C 222 5.41 0.86 45.11
CA GLY C 222 4.92 0.69 46.46
C GLY C 222 4.93 1.96 47.29
N ASN C 228 7.81 -10.49 36.48
CA ASN C 228 7.07 -9.37 37.03
C ASN C 228 6.22 -8.69 35.96
N ILE C 229 6.89 -8.08 34.99
CA ILE C 229 6.18 -7.39 33.91
C ILE C 229 5.72 -8.42 32.88
N VAL C 230 4.43 -8.35 32.52
CA VAL C 230 3.85 -9.22 31.50
C VAL C 230 3.03 -8.32 30.58
N ILE C 231 3.48 -8.18 29.35
CA ILE C 231 2.82 -7.31 28.38
C ILE C 231 1.95 -8.14 27.45
N VAL C 232 0.77 -7.64 27.13
CA VAL C 232 -0.18 -8.35 26.27
C VAL C 232 -0.77 -7.37 25.26
N GLU C 233 -1.73 -7.85 24.46
CA GLU C 233 -2.33 -7.07 23.39
C GLU C 233 -3.82 -7.37 23.33
N LYS C 234 -4.54 -6.55 22.54
CA LYS C 234 -5.93 -6.79 22.18
C LYS C 234 -6.89 -6.56 23.33
N GLU C 235 -6.34 -6.37 24.55
CA GLU C 235 -7.10 -6.09 25.76
C GLU C 235 -7.96 -7.27 26.19
N ALA C 236 -8.07 -8.29 25.33
CA ALA C 236 -8.93 -9.45 25.61
C ALA C 236 -8.22 -10.47 26.49
N VAL C 237 -7.03 -10.91 26.09
CA VAL C 237 -6.23 -11.73 26.98
C VAL C 237 -5.91 -11.00 28.27
N PHE C 238 -5.67 -9.69 28.20
CA PHE C 238 -5.42 -8.92 29.41
C PHE C 238 -6.62 -8.97 30.35
N THR C 239 -7.84 -8.73 29.82
CA THR C 239 -9.02 -8.81 30.65
C THR C 239 -9.21 -10.21 31.22
N LYS C 240 -8.85 -11.24 30.44
CA LYS C 240 -8.91 -12.60 30.95
C LYS C 240 -7.97 -12.80 32.13
N LEU C 241 -6.74 -12.28 32.04
CA LEU C 241 -5.85 -12.40 33.19
C LEU C 241 -6.34 -11.59 34.38
N VAL C 242 -6.95 -10.43 34.15
CA VAL C 242 -7.52 -9.67 35.27
C VAL C 242 -8.62 -10.49 35.94
N ASN C 243 -9.45 -11.16 35.14
CA ASN C 243 -10.51 -11.98 35.71
C ASN C 243 -9.96 -13.17 36.48
N ASN C 244 -8.87 -13.78 35.97
CA ASN C 244 -8.34 -14.99 36.60
C ASN C 244 -7.45 -14.66 37.80
N TYR C 245 -6.30 -14.05 37.55
CA TYR C 245 -5.32 -13.67 38.58
C TYR C 245 -5.03 -14.84 39.53
N HIS C 246 -4.62 -15.96 38.95
CA HIS C 246 -4.23 -17.11 39.76
C HIS C 246 -2.79 -16.95 40.25
N ASN C 251 3.82 -11.80 42.44
CA ASN C 251 3.75 -10.37 42.21
C ASN C 251 4.07 -10.02 40.76
N THR C 252 3.09 -10.19 39.88
CA THR C 252 3.24 -9.91 38.46
C THR C 252 2.34 -8.75 38.07
N MET C 253 2.92 -7.77 37.37
CA MET C 253 2.19 -6.59 36.97
C MET C 253 1.98 -6.61 35.46
N LEU C 254 0.89 -6.01 35.01
CA LEU C 254 0.24 -6.38 33.75
C LEU C 254 0.12 -5.19 32.81
N ILE C 255 1.24 -4.49 32.59
CA ILE C 255 1.27 -3.40 31.64
C ILE C 255 0.78 -3.90 30.29
N THR C 256 -0.06 -3.12 29.59
CA THR C 256 -0.57 -3.49 28.25
C THR C 256 -1.15 -2.43 27.29
N GLY C 257 -0.37 -1.79 26.42
CA GLY C 257 -0.93 -0.83 25.47
C GLY C 257 -1.78 -1.66 24.57
N LYS C 258 -2.99 -1.25 24.25
CA LYS C 258 -3.88 -2.15 23.53
C LYS C 258 -3.56 -2.72 22.13
N GLY C 259 -3.05 -1.94 21.22
CA GLY C 259 -2.75 -2.47 19.91
C GLY C 259 -1.27 -2.39 19.79
N PHE C 260 -0.78 -1.45 18.98
CA PHE C 260 0.63 -1.17 18.81
C PHE C 260 0.79 -0.10 19.84
N PRO C 261 1.74 -0.25 20.78
CA PRO C 261 1.81 0.56 22.00
C PRO C 261 1.98 2.04 21.70
N ASP C 262 1.45 2.86 22.62
CA ASP C 262 1.52 4.31 22.52
C ASP C 262 2.79 4.83 23.19
N PHE C 263 3.01 6.14 23.02
CA PHE C 263 4.19 6.77 23.62
C PHE C 263 4.14 6.74 25.14
N LEU C 264 2.96 6.89 25.73
CA LEU C 264 2.84 6.89 27.18
C LEU C 264 3.27 5.55 27.77
N THR C 265 2.85 4.44 27.15
CA THR C 265 3.23 3.13 27.66
C THR C 265 4.72 2.89 27.52
N ARG C 266 5.33 3.31 26.40
CA ARG C 266 6.77 3.12 26.23
C ARG C 266 7.56 3.96 27.23
N LEU C 267 7.15 5.21 27.46
CA LEU C 267 7.78 6.01 28.49
C LEU C 267 7.60 5.41 29.88
N PHE C 268 6.41 4.89 30.17
CA PHE C 268 6.17 4.21 31.43
C PHE C 268 7.13 3.03 31.62
N LEU C 269 7.26 2.19 30.61
CA LEU C 269 8.16 1.04 30.71
C LEU C 269 9.61 1.50 30.88
N LYS C 270 10.04 2.47 30.08
CA LYS C 270 11.43 2.91 30.14
C LYS C 270 11.78 3.50 31.50
N LYS C 271 10.95 4.43 31.99
CA LYS C 271 11.21 5.03 33.29
C LYS C 271 11.06 4.05 34.43
N LEU C 272 10.10 3.12 34.33
CA LEU C 272 9.98 2.07 35.33
C LEU C 272 11.25 1.25 35.42
N GLU C 273 11.80 0.86 34.26
CA GLU C 273 13.06 0.12 34.25
C GLU C 273 14.19 0.95 34.86
N GLN C 274 14.39 2.18 34.35
CA GLN C 274 15.55 2.95 34.75
C GLN C 274 15.46 3.47 36.18
N TYR C 275 14.29 3.40 36.82
CA TYR C 275 14.19 3.78 38.22
C TYR C 275 14.00 2.61 39.18
N CYS C 276 13.61 1.42 38.70
CA CYS C 276 13.38 0.31 39.61
C CYS C 276 13.91 -1.02 39.05
N SER C 277 14.99 -0.97 38.28
CA SER C 277 15.55 -2.20 37.72
C SER C 277 15.98 -3.20 38.79
N ASN C 278 16.32 -2.73 40.00
CA ASN C 278 16.75 -3.66 41.03
C ASN C 278 15.58 -4.35 41.72
N LEU C 279 14.35 -3.91 41.47
CA LEU C 279 13.16 -4.60 41.94
C LEU C 279 12.61 -5.56 40.88
N ILE C 280 12.28 -5.04 39.70
CA ILE C 280 11.58 -5.84 38.70
C ILE C 280 12.55 -6.80 38.02
N SER C 281 11.98 -7.82 37.37
CA SER C 281 12.77 -8.84 36.70
C SER C 281 11.89 -9.56 35.69
N ASP C 282 12.52 -10.05 34.62
CA ASP C 282 11.86 -10.91 33.62
C ASP C 282 10.68 -10.19 32.98
N CYS C 283 10.98 -9.12 32.25
CA CYS C 283 10.00 -8.51 31.37
C CYS C 283 9.76 -9.41 30.17
N SER C 284 8.50 -9.62 29.83
CA SER C 284 8.15 -10.61 28.80
C SER C 284 6.95 -10.10 28.00
N ILE C 285 7.17 -9.80 26.72
CA ILE C 285 6.08 -9.50 25.82
C ILE C 285 5.35 -10.79 25.46
N PHE C 286 4.07 -10.67 25.12
CA PHE C 286 3.24 -11.84 24.84
C PHE C 286 2.29 -11.49 23.69
N THR C 287 2.66 -11.89 22.49
CA THR C 287 1.85 -11.68 21.29
C THR C 287 1.63 -13.00 20.57
N ASP C 288 0.59 -13.03 19.73
CA ASP C 288 0.24 -14.24 19.00
C ASP C 288 1.20 -14.42 17.81
N ALA C 289 0.91 -15.42 16.96
CA ALA C 289 1.84 -15.85 15.93
C ALA C 289 1.67 -15.10 14.61
N ASP C 290 0.69 -14.21 14.49
CA ASP C 290 0.52 -13.46 13.25
C ASP C 290 1.69 -12.49 13.08
N PRO C 291 2.04 -12.20 11.83
CA PRO C 291 3.17 -11.36 11.57
C PRO C 291 2.77 -9.97 11.88
N TYR C 292 1.95 -9.78 12.90
CA TYR C 292 1.53 -8.46 13.38
C TYR C 292 2.02 -8.45 14.78
N GLY C 293 1.77 -9.52 15.50
CA GLY C 293 2.30 -9.65 16.85
C GLY C 293 3.79 -9.46 16.91
N ILE C 294 4.50 -9.89 15.86
CA ILE C 294 5.96 -9.82 15.82
C ILE C 294 6.40 -8.38 15.56
N SER C 295 5.45 -7.53 15.17
CA SER C 295 5.70 -6.10 15.05
C SER C 295 5.27 -5.32 16.27
N ILE C 296 4.16 -5.72 16.91
CA ILE C 296 3.79 -5.13 18.20
C ILE C 296 4.90 -5.37 19.22
N ALA C 297 5.45 -6.58 19.25
CA ALA C 297 6.58 -6.87 20.13
C ALA C 297 7.80 -6.05 19.74
N LEU C 298 8.05 -5.91 18.44
CA LEU C 298 9.21 -5.14 17.97
C LEU C 298 9.10 -3.68 18.38
N ASN C 299 7.87 -3.17 18.51
CA ASN C 299 7.69 -1.79 18.96
C ASN C 299 8.27 -1.58 20.36
N TYR C 300 7.98 -2.50 21.30
CA TYR C 300 8.62 -2.42 22.61
C TYR C 300 10.11 -2.72 22.52
N THR C 301 10.48 -3.68 21.68
CA THR C 301 11.85 -4.20 21.72
C THR C 301 12.86 -3.16 21.25
N HIS C 302 12.75 -2.74 19.99
CA HIS C 302 13.73 -1.81 19.44
C HIS C 302 13.14 -1.09 18.23
N SER C 303 13.37 0.21 18.16
CA SER C 303 12.96 1.02 17.01
C SER C 303 14.10 1.07 15.99
N ASN C 304 14.05 2.07 15.11
CA ASN C 304 15.09 2.25 14.09
C ASN C 304 16.37 2.79 14.74
N GLU C 305 17.36 3.10 13.89
CA GLU C 305 18.63 3.61 14.39
C GLU C 305 18.44 4.84 15.28
N ARG C 306 17.41 5.64 15.04
CA ARG C 306 17.05 6.73 15.93
C ARG C 306 15.99 6.21 16.90
N ASN C 307 16.48 5.56 17.96
CA ASN C 307 15.61 4.96 18.98
C ASN C 307 16.01 5.53 20.33
N ALA C 308 15.38 6.64 20.70
CA ALA C 308 15.75 7.32 21.94
C ALA C 308 15.17 6.61 23.15
N TYR C 309 13.85 6.46 23.22
CA TYR C 309 13.21 5.95 24.42
C TYR C 309 12.47 4.65 24.07
N ILE C 310 13.08 3.52 24.41
CA ILE C 310 12.47 2.20 24.22
C ILE C 310 12.83 1.32 25.40
N CYS C 311 11.87 0.52 25.87
CA CYS C 311 12.15 -0.44 26.93
C CYS C 311 13.15 -1.48 26.44
N THR C 312 14.28 -1.59 27.13
CA THR C 312 15.34 -2.51 26.71
C THR C 312 15.25 -3.87 27.40
N MET C 313 14.24 -4.10 28.22
CA MET C 313 14.07 -5.36 28.92
C MET C 313 13.23 -6.36 28.12
N ALA C 314 12.89 -6.03 26.88
CA ALA C 314 11.86 -6.76 26.13
C ALA C 314 12.40 -8.10 25.69
N ASN C 315 12.38 -9.06 26.61
CA ASN C 315 12.73 -10.45 26.30
C ASN C 315 11.45 -11.08 25.76
N TYR C 316 11.36 -11.14 24.43
CA TYR C 316 10.13 -11.50 23.74
C TYR C 316 9.87 -13.00 23.78
N LYS C 317 9.17 -13.47 24.81
CA LYS C 317 8.79 -14.88 24.93
C LYS C 317 7.41 -15.13 24.34
N GLY C 318 7.23 -14.75 23.08
CA GLY C 318 5.90 -14.78 22.48
C GLY C 318 5.41 -16.19 22.22
N ILE C 319 4.13 -16.27 21.87
CA ILE C 319 3.47 -17.53 21.53
C ILE C 319 3.86 -17.85 20.08
N ARG C 320 4.88 -18.68 19.90
CA ARG C 320 5.40 -18.98 18.57
C ARG C 320 4.62 -20.14 17.96
N ILE C 321 4.92 -20.42 16.69
CA ILE C 321 4.25 -21.51 15.98
C ILE C 321 4.77 -22.88 16.38
N THR C 322 5.92 -22.95 17.04
CA THR C 322 6.42 -24.21 17.59
C THR C 322 5.98 -24.41 19.03
N GLN C 323 5.27 -23.45 19.61
CA GLN C 323 4.70 -23.58 20.94
C GLN C 323 3.22 -23.94 20.91
N VAL C 324 2.55 -23.72 19.77
CA VAL C 324 1.16 -24.13 19.61
C VAL C 324 1.07 -25.57 19.09
N LEU C 325 1.96 -25.94 18.17
CA LEU C 325 1.97 -27.31 17.66
C LEU C 325 2.45 -28.31 18.69
N ALA C 326 3.06 -27.85 19.78
CA ALA C 326 3.44 -28.74 20.88
C ALA C 326 2.32 -28.93 21.90
N GLN C 327 1.47 -27.93 22.09
CA GLN C 327 0.30 -28.04 22.95
C GLN C 327 -0.93 -28.52 22.20
N ASN C 328 -0.85 -28.66 20.89
CA ASN C 328 -1.95 -29.18 20.08
C ASN C 328 -2.14 -30.69 20.23
N ASN C 329 -1.59 -31.30 21.28
CA ASN C 329 -1.71 -32.73 21.54
C ASN C 329 -2.30 -32.97 22.92
N GLU C 330 -3.32 -32.19 23.26
CA GLU C 330 -3.98 -32.30 24.56
C GLU C 330 -4.58 -33.70 24.77
N SER C 335 -13.76 -24.70 14.07
CA SER C 335 -12.93 -23.52 14.25
C SER C 335 -11.54 -23.90 14.74
N ILE C 336 -10.63 -24.11 13.79
CA ILE C 336 -9.25 -24.47 14.12
C ILE C 336 -8.46 -23.21 14.46
N GLN C 337 -7.54 -23.34 15.41
CA GLN C 337 -6.69 -22.21 15.79
C GLN C 337 -5.77 -21.79 14.64
N LEU C 338 -5.19 -22.77 13.94
CA LEU C 338 -4.26 -22.47 12.86
C LEU C 338 -5.01 -21.90 11.66
N LEU C 339 -4.60 -20.72 11.21
CA LEU C 339 -5.23 -20.05 10.09
C LEU C 339 -4.22 -19.85 8.98
N SER C 340 -4.60 -20.12 7.75
CA SER C 340 -3.63 -19.99 6.68
C SER C 340 -3.31 -18.55 6.44
N LEU C 341 -2.08 -18.30 6.04
CA LEU C 341 -1.55 -16.96 5.82
C LEU C 341 -2.19 -16.35 4.58
N ASN C 342 -2.69 -15.12 4.66
CA ASN C 342 -3.20 -14.51 3.44
C ASN C 342 -2.11 -13.69 2.74
N GLN C 343 -2.51 -12.68 2.00
CA GLN C 343 -1.49 -11.96 1.25
C GLN C 343 -1.01 -10.70 1.92
N ARG C 344 -1.45 -10.52 3.15
CA ARG C 344 -1.14 -9.36 3.94
C ARG C 344 -0.38 -9.85 5.13
N ASP C 345 -0.82 -11.00 5.66
CA ASP C 345 -0.19 -11.64 6.79
C ASP C 345 1.20 -12.09 6.40
N TYR C 346 1.38 -12.54 5.17
CA TYR C 346 2.68 -12.92 4.66
C TYR C 346 3.50 -11.73 4.11
N SER C 347 2.90 -10.85 3.31
CA SER C 347 3.66 -9.74 2.72
C SER C 347 4.36 -8.87 3.72
N LEU C 348 3.88 -8.95 4.95
CA LEU C 348 4.37 -8.22 6.11
C LEU C 348 5.22 -9.14 6.92
N ALA C 349 5.26 -10.41 6.59
CA ALA C 349 6.09 -11.31 7.36
C ALA C 349 7.42 -11.38 6.71
N LYS C 350 7.47 -11.15 5.41
CA LYS C 350 8.72 -11.19 4.68
C LYS C 350 9.31 -9.83 4.54
N ASN C 351 8.68 -8.84 5.15
CA ASN C 351 9.17 -7.47 5.17
C ASN C 351 9.92 -7.20 6.48
N LEU C 352 9.76 -8.11 7.44
CA LEU C 352 10.50 -8.07 8.68
C LEU C 352 11.67 -9.06 8.57
N ILE C 353 11.88 -9.62 7.39
CA ILE C 353 12.97 -10.52 7.13
C ILE C 353 13.87 -9.67 6.28
N ALA C 354 13.32 -8.92 5.33
CA ALA C 354 14.22 -8.07 4.58
C ALA C 354 14.73 -6.89 5.41
N SER C 355 13.95 -6.44 6.40
CA SER C 355 14.33 -5.26 7.16
C SER C 355 15.31 -5.60 8.28
N LEU C 356 15.05 -6.68 9.02
CA LEU C 356 15.92 -7.02 10.15
C LEU C 356 17.33 -7.35 9.67
N THR C 357 17.44 -8.09 8.56
CA THR C 357 18.74 -8.48 8.01
C THR C 357 19.10 -7.51 6.90
N ALA C 358 19.53 -6.31 7.30
CA ALA C 358 19.99 -5.28 6.37
C ALA C 358 21.43 -4.85 6.62
N ASN C 359 21.83 -4.71 7.88
CA ASN C 359 23.19 -4.36 8.25
C ASN C 359 23.90 -5.47 9.00
N SER C 360 23.26 -6.03 10.02
CA SER C 360 23.84 -7.15 10.75
C SER C 360 23.89 -8.39 9.84
N TRP C 361 24.99 -9.13 9.94
CA TRP C 361 25.25 -10.26 9.05
C TRP C 361 25.06 -11.60 9.74
N ASP C 362 25.67 -11.80 10.90
CA ASP C 362 25.72 -13.12 11.52
C ASP C 362 24.38 -13.45 12.15
N ILE C 363 23.66 -14.40 11.56
CA ILE C 363 22.40 -14.89 12.13
C ILE C 363 22.63 -15.78 13.34
N ALA C 364 23.82 -16.39 13.46
CA ALA C 364 24.09 -17.29 14.57
C ALA C 364 24.00 -16.59 15.91
N THR C 365 24.51 -15.36 16.00
CA THR C 365 24.43 -14.58 17.23
C THR C 365 23.87 -13.19 16.91
N SER C 366 22.70 -12.91 17.45
CA SER C 366 22.03 -11.62 17.27
C SER C 366 20.81 -11.59 18.18
N PRO C 367 20.43 -10.40 18.68
CA PRO C 367 19.19 -10.30 19.45
C PRO C 367 17.94 -10.46 18.61
N LEU C 368 18.05 -10.31 17.28
CA LEU C 368 16.92 -10.48 16.37
C LEU C 368 16.94 -11.84 15.68
N LYS C 369 17.78 -12.75 16.16
CA LYS C 369 17.85 -14.09 15.60
C LYS C 369 16.54 -14.84 15.78
N ASN C 370 15.99 -14.72 16.98
CA ASN C 370 14.73 -15.34 17.35
C ASN C 370 13.57 -14.86 16.51
N VAL C 371 13.55 -13.57 16.23
CA VAL C 371 12.51 -12.95 15.40
C VAL C 371 12.65 -13.38 13.95
N VAL C 372 13.87 -13.39 13.42
CA VAL C 372 14.08 -13.76 12.03
C VAL C 372 13.70 -15.22 11.79
N ILE C 373 14.14 -16.12 12.68
CA ILE C 373 13.83 -17.53 12.50
C ILE C 373 12.32 -17.77 12.61
N GLU C 374 11.68 -17.16 13.61
CA GLU C 374 10.24 -17.31 13.76
C GLU C 374 9.46 -16.68 12.61
N CYS C 375 10.05 -15.72 11.94
CA CYS C 375 9.44 -15.04 10.83
C CYS C 375 9.54 -15.88 9.57
N GLN C 376 10.67 -16.55 9.37
CA GLN C 376 10.82 -17.49 8.26
C GLN C 376 9.95 -18.73 8.46
N ARG C 377 9.78 -19.15 9.72
CA ARG C 377 8.99 -20.35 9.99
C ARG C 377 7.54 -20.18 9.57
N GLU C 378 6.96 -19.00 9.81
CA GLU C 378 5.57 -18.77 9.40
C GLU C 378 5.43 -18.79 7.88
N ILE C 379 6.39 -18.19 7.17
CA ILE C 379 6.34 -18.20 5.71
C ILE C 379 6.44 -19.62 5.17
N PHE C 380 7.35 -20.42 5.73
CA PHE C 380 7.49 -21.80 5.28
C PHE C 380 6.25 -22.63 5.61
N PHE C 381 5.75 -22.50 6.84
CA PHE C 381 4.65 -23.33 7.31
C PHE C 381 3.31 -22.89 6.74
N GLN C 382 3.20 -21.64 6.28
CA GLN C 382 2.03 -21.06 5.64
C GLN C 382 0.83 -20.92 6.56
N LYS C 383 0.98 -21.27 7.84
CA LYS C 383 -0.13 -21.22 8.79
C LYS C 383 0.17 -20.54 10.13
N LYS C 384 -0.65 -19.57 10.51
CA LYS C 384 -0.42 -18.78 11.71
C LYS C 384 -1.37 -19.19 12.82
N ALA C 385 -0.89 -19.11 14.06
CA ALA C 385 -1.67 -19.48 15.23
C ALA C 385 -2.38 -18.27 15.81
N GLU C 386 -2.95 -18.43 17.01
CA GLU C 386 -3.64 -17.37 17.71
C GLU C 386 -3.40 -17.52 19.20
N MET C 387 -3.59 -16.42 19.94
CA MET C 387 -3.42 -16.43 21.39
C MET C 387 -4.72 -16.22 22.14
N ASN C 388 -5.78 -15.75 21.47
CA ASN C 388 -7.04 -15.51 22.17
C ASN C 388 -7.67 -16.80 22.67
N GLU C 389 -7.66 -17.84 21.84
CA GLU C 389 -8.33 -19.09 22.19
C GLU C 389 -7.41 -20.09 22.90
N ILE C 390 -6.11 -19.82 22.96
CA ILE C 390 -5.16 -20.79 23.50
C ILE C 390 -4.55 -20.26 24.79
N ASP C 391 -5.32 -19.47 25.54
CA ASP C 391 -4.85 -18.99 26.83
C ASP C 391 -4.63 -20.15 27.78
N ALA C 392 -3.53 -20.11 28.52
CA ALA C 392 -3.16 -21.17 29.44
C ALA C 392 -2.22 -20.59 30.49
N GLY C 393 -1.57 -21.46 31.24
CA GLY C 393 -0.61 -21.08 32.27
C GLY C 393 0.78 -20.75 31.76
N ILE C 394 0.97 -20.76 30.43
CA ILE C 394 2.27 -20.44 29.86
C ILE C 394 2.70 -19.03 30.23
N PHE C 395 1.75 -18.11 30.40
CA PHE C 395 2.08 -16.72 30.72
C PHE C 395 2.87 -16.63 32.02
N LYS C 396 2.44 -17.35 33.05
CA LYS C 396 3.21 -17.48 34.27
C LYS C 396 4.29 -18.55 34.10
N TYR C 397 5.28 -18.52 34.99
CA TYR C 397 6.29 -19.58 35.00
C TYR C 397 5.67 -20.93 35.33
N LYS C 398 4.71 -20.95 36.24
CA LYS C 398 4.07 -22.19 36.66
C LYS C 398 2.55 -22.03 36.73
N ALA D 7 22.25 -45.65 11.26
CA ALA D 7 22.88 -46.70 10.49
C ALA D 7 24.00 -46.15 9.61
N THR D 8 24.20 -44.84 9.69
CA THR D 8 25.25 -44.16 8.94
C THR D 8 25.65 -42.94 9.77
N ALA D 9 26.79 -42.34 9.45
CA ALA D 9 27.35 -41.23 10.22
C ALA D 9 26.40 -40.04 10.15
N ASN D 10 25.80 -39.69 11.29
CA ASN D 10 24.91 -38.55 11.36
C ASN D 10 25.72 -37.26 11.40
N ALA D 11 25.37 -36.31 10.52
CA ALA D 11 26.03 -35.01 10.48
C ALA D 11 25.26 -34.04 11.36
N GLY D 12 25.43 -34.19 12.68
CA GLY D 12 24.72 -33.37 13.62
C GLY D 12 25.27 -31.96 13.69
N LYS D 13 24.40 -31.02 14.04
CA LYS D 13 24.74 -29.60 14.18
C LYS D 13 25.42 -29.07 12.92
N ALA D 14 24.85 -29.43 11.76
CA ALA D 14 25.38 -29.00 10.48
C ALA D 14 25.31 -27.48 10.35
N HIS D 15 24.09 -26.93 10.34
CA HIS D 15 23.88 -25.50 10.31
C HIS D 15 23.52 -25.02 11.71
N ASP D 16 23.25 -23.72 11.86
CA ASP D 16 22.99 -23.20 13.21
C ASP D 16 21.67 -22.44 13.32
N ALA D 17 20.97 -22.20 12.22
CA ALA D 17 19.65 -21.57 12.31
C ALA D 17 18.60 -22.67 12.14
N ASP D 18 18.44 -23.25 10.93
CA ASP D 18 17.45 -24.36 10.66
C ASP D 18 17.53 -25.02 9.29
N ILE D 19 17.76 -26.33 9.20
CA ILE D 19 17.83 -26.90 7.86
C ILE D 19 16.41 -27.09 7.33
N PHE D 20 16.22 -26.83 6.04
CA PHE D 20 14.88 -26.80 5.47
C PHE D 20 14.72 -27.73 4.28
N SER D 21 15.80 -28.31 3.75
CA SER D 21 15.69 -29.20 2.61
C SER D 21 16.97 -29.99 2.37
N VAL D 22 16.98 -30.81 1.32
CA VAL D 22 18.12 -31.65 0.99
C VAL D 22 17.96 -32.12 -0.45
N SER D 23 19.07 -32.53 -1.06
CA SER D 23 19.06 -33.06 -2.42
C SER D 23 20.19 -34.06 -2.56
N ALA D 24 20.17 -34.81 -3.66
CA ALA D 24 21.19 -35.82 -3.91
C ALA D 24 21.59 -35.79 -5.38
N CYS D 25 22.89 -35.95 -5.63
CA CYS D 25 23.42 -35.83 -6.99
C CYS D 25 24.36 -36.97 -7.37
N ASN D 26 24.45 -38.03 -6.57
CA ASN D 26 25.32 -39.19 -6.78
C ASN D 26 26.78 -38.82 -6.54
N SER D 27 27.05 -37.52 -6.37
CA SER D 27 28.35 -37.05 -5.94
C SER D 27 28.17 -36.08 -4.78
N PHE D 28 27.08 -35.31 -4.83
CA PHE D 28 26.78 -34.27 -3.85
C PHE D 28 25.55 -34.64 -3.03
N THR D 29 25.41 -33.96 -1.91
CA THR D 29 24.22 -34.06 -1.06
C THR D 29 23.82 -32.68 -0.59
N VAL D 30 23.72 -31.74 -1.54
CA VAL D 30 23.46 -30.33 -1.28
C VAL D 30 22.25 -30.18 -0.37
N SER D 31 22.33 -29.24 0.57
CA SER D 31 21.27 -29.04 1.55
C SER D 31 21.26 -27.56 1.95
N CYS D 32 20.25 -26.83 1.49
CA CYS D 32 20.08 -25.45 1.90
C CYS D 32 19.60 -25.40 3.35
N SER D 33 19.55 -24.20 3.91
CA SER D 33 19.22 -24.02 5.32
C SER D 33 18.80 -22.57 5.52
N GLY D 34 18.41 -22.24 6.76
CA GLY D 34 17.95 -20.90 7.04
C GLY D 34 19.07 -19.89 7.17
N ASP D 35 20.26 -20.36 7.51
CA ASP D 35 21.40 -19.47 7.76
C ASP D 35 22.17 -19.27 6.46
N GLY D 36 21.45 -19.02 5.38
CA GLY D 36 22.02 -18.43 4.19
C GLY D 36 22.88 -19.26 3.26
N TYR D 37 23.51 -20.33 3.74
CA TYR D 37 24.52 -20.98 2.90
C TYR D 37 24.24 -22.47 2.77
N LEU D 38 24.54 -22.98 1.58
CA LEU D 38 24.49 -24.42 1.32
C LEU D 38 25.69 -25.11 1.94
N LYS D 39 25.55 -26.42 2.17
CA LYS D 39 26.60 -27.19 2.82
C LYS D 39 26.82 -28.53 2.13
N VAL D 40 27.00 -28.51 0.81
CA VAL D 40 27.18 -29.70 -0.02
C VAL D 40 28.14 -30.70 0.62
N TRP D 41 27.72 -31.95 0.71
CA TRP D 41 28.52 -33.02 1.32
C TRP D 41 28.88 -34.02 0.22
N ASP D 42 30.17 -34.35 0.13
CA ASP D 42 30.59 -35.37 -0.84
C ASP D 42 29.99 -36.72 -0.45
N ASN D 43 29.42 -37.40 -1.44
CA ASN D 43 28.71 -38.65 -1.17
C ASN D 43 29.69 -39.76 -0.78
N LYS D 44 30.80 -39.86 -1.50
CA LYS D 44 31.72 -40.99 -1.34
C LYS D 44 32.71 -40.70 -0.21
N LEU D 45 32.52 -41.40 0.91
CA LEU D 45 33.52 -41.43 1.97
C LEU D 45 34.48 -42.58 1.67
N LEU D 46 35.40 -42.89 2.59
CA LEU D 46 36.33 -43.99 2.37
C LEU D 46 36.08 -45.15 3.31
N ASP D 47 36.22 -44.95 4.62
CA ASP D 47 35.75 -45.98 5.53
C ASP D 47 34.93 -45.44 6.70
N ASN D 48 35.37 -44.34 7.32
CA ASN D 48 34.71 -43.78 8.49
C ASN D 48 34.72 -42.25 8.55
N GLU D 49 35.22 -41.56 7.53
CA GLU D 49 35.38 -40.12 7.60
C GLU D 49 34.04 -39.43 7.84
N ASN D 50 33.95 -38.68 8.93
CA ASN D 50 32.72 -37.98 9.25
C ASN D 50 32.44 -36.91 8.19
N PRO D 51 31.18 -36.70 7.83
CA PRO D 51 30.87 -35.67 6.83
C PRO D 51 31.04 -34.24 7.33
N LYS D 52 31.30 -34.06 8.63
CA LYS D 52 31.40 -32.71 9.17
C LYS D 52 32.54 -31.94 8.54
N ASP D 53 33.71 -32.57 8.37
CA ASP D 53 34.82 -31.91 7.69
C ASP D 53 34.61 -31.80 6.19
N LYS D 54 33.60 -32.48 5.65
CA LYS D 54 33.28 -32.39 4.23
C LYS D 54 32.21 -31.34 3.93
N SER D 55 31.87 -30.50 4.91
CA SER D 55 30.89 -29.44 4.71
C SER D 55 31.57 -28.30 3.96
N TYR D 56 31.42 -28.31 2.64
CA TYR D 56 31.97 -27.25 1.78
C TYR D 56 30.93 -26.12 1.65
N SER D 57 30.83 -25.35 2.72
CA SER D 57 29.86 -24.27 2.80
C SER D 57 30.23 -23.13 1.86
N HIS D 58 29.21 -22.37 1.46
CA HIS D 58 29.40 -21.19 0.62
C HIS D 58 28.19 -20.28 0.81
N PHE D 59 28.43 -19.08 1.33
CA PHE D 59 27.36 -18.12 1.57
C PHE D 59 26.68 -17.74 0.25
N VAL D 60 25.35 -17.75 0.24
CA VAL D 60 24.57 -17.49 -0.94
C VAL D 60 23.69 -16.24 -0.79
N HIS D 61 22.78 -16.24 0.19
CA HIS D 61 21.93 -15.09 0.45
C HIS D 61 21.61 -15.05 1.92
N LYS D 62 21.74 -13.86 2.51
CA LYS D 62 21.60 -13.69 3.94
C LYS D 62 20.16 -13.75 4.43
N SER D 63 19.18 -13.77 3.52
CA SER D 63 17.78 -13.85 3.94
C SER D 63 17.43 -15.24 4.44
N GLY D 64 17.97 -16.28 3.81
CA GLY D 64 17.65 -17.64 4.17
C GLY D 64 17.34 -18.47 2.95
N LEU D 65 17.20 -19.79 3.11
CA LEU D 65 16.92 -20.68 1.99
C LEU D 65 15.97 -21.77 2.46
N HIS D 66 15.04 -22.17 1.59
CA HIS D 66 14.07 -23.21 1.94
C HIS D 66 14.13 -24.42 1.02
N HIS D 67 14.23 -24.22 -0.29
CA HIS D 67 14.23 -25.34 -1.24
C HIS D 67 15.59 -25.46 -1.92
N VAL D 68 15.85 -26.64 -2.48
CA VAL D 68 17.09 -26.92 -3.19
C VAL D 68 16.91 -28.14 -4.08
N ASP D 69 17.49 -28.13 -5.27
CA ASP D 69 17.45 -29.26 -6.18
C ASP D 69 18.67 -29.20 -7.09
N VAL D 70 19.13 -30.37 -7.54
CA VAL D 70 20.36 -30.49 -8.30
C VAL D 70 20.10 -31.07 -9.69
N LEU D 71 21.15 -31.16 -10.49
CA LEU D 71 21.07 -31.73 -11.83
C LEU D 71 22.44 -32.28 -12.19
N GLN D 72 22.50 -33.55 -12.58
CA GLN D 72 23.73 -34.19 -13.02
C GLN D 72 23.52 -34.75 -14.42
N THR D 73 24.40 -34.37 -15.35
CA THR D 73 24.38 -34.91 -16.71
C THR D 73 25.71 -35.58 -17.00
N ILE D 74 25.71 -36.90 -17.03
CA ILE D 74 26.92 -37.69 -17.33
C ILE D 74 26.59 -38.55 -18.53
N GLU D 75 27.29 -38.31 -19.63
CA GLU D 75 27.07 -39.07 -20.87
C GLU D 75 28.35 -39.82 -21.27
N PHE D 79 31.43 -31.51 -19.92
CA PHE D 79 31.36 -32.96 -20.03
C PHE D 79 30.76 -33.55 -18.76
N GLU D 80 30.92 -32.84 -17.65
CA GLU D 80 30.37 -33.24 -16.35
C GLU D 80 29.66 -32.05 -15.71
N LEU D 81 28.84 -31.35 -16.49
CA LEU D 81 28.16 -30.16 -16.02
C LEU D 81 27.13 -30.51 -14.95
N CYS D 82 27.34 -29.99 -13.73
CA CYS D 82 26.44 -30.22 -12.60
C CYS D 82 26.00 -28.88 -12.06
N LEU D 83 24.70 -28.74 -11.82
CA LEU D 83 24.13 -27.49 -11.33
C LEU D 83 23.36 -27.72 -10.03
N VAL D 84 23.19 -26.65 -9.28
CA VAL D 84 22.45 -26.66 -8.03
C VAL D 84 21.58 -25.41 -7.97
N ALA D 85 20.26 -25.60 -7.94
CA ALA D 85 19.33 -24.49 -7.83
C ALA D 85 18.83 -24.37 -6.39
N THR D 86 18.55 -23.14 -5.98
CA THR D 86 18.13 -22.88 -4.61
C THR D 86 17.33 -21.59 -4.57
N THR D 87 16.24 -21.61 -3.82
CA THR D 87 15.38 -20.45 -3.66
C THR D 87 15.51 -19.92 -2.23
N SER D 88 15.40 -18.60 -2.10
CA SER D 88 15.61 -17.93 -0.83
C SER D 88 14.28 -17.59 -0.18
N PHE D 89 14.35 -17.02 1.02
CA PHE D 89 13.15 -16.61 1.76
C PHE D 89 12.67 -15.22 1.38
N SER D 90 13.40 -14.52 0.52
CA SER D 90 12.86 -13.35 -0.16
C SER D 90 12.36 -13.68 -1.57
N GLY D 91 12.79 -14.79 -2.13
CA GLY D 91 12.33 -15.25 -3.43
C GLY D 91 13.32 -14.94 -4.53
N ASP D 92 14.15 -15.92 -4.87
CA ASP D 92 15.22 -15.73 -5.85
C ASP D 92 15.80 -17.06 -6.30
N LEU D 93 15.94 -17.26 -7.60
CA LEU D 93 16.63 -18.43 -8.13
C LEU D 93 18.13 -18.17 -8.10
N LEU D 94 18.88 -19.11 -7.55
CA LEU D 94 20.28 -18.91 -7.17
C LEU D 94 21.15 -20.07 -7.66
N PHE D 95 21.03 -20.39 -8.94
CA PHE D 95 21.77 -21.50 -9.53
C PHE D 95 23.25 -21.37 -9.25
N TYR D 96 23.87 -22.48 -8.85
CA TYR D 96 25.27 -22.51 -8.45
C TYR D 96 25.94 -23.71 -9.13
N ARG D 97 26.72 -23.44 -10.18
CA ARG D 97 27.39 -24.50 -10.90
C ARG D 97 28.58 -25.03 -10.09
N ILE D 98 28.36 -26.10 -9.32
CA ILE D 98 29.39 -26.65 -8.46
C ILE D 98 30.33 -27.53 -9.28
N THR D 99 31.53 -27.01 -9.54
CA THR D 99 32.55 -27.77 -10.26
C THR D 99 33.50 -28.43 -9.27
N ARG D 100 34.57 -29.02 -9.78
CA ARG D 100 35.59 -29.63 -8.94
C ARG D 100 36.98 -29.43 -9.53
N LYS D 106 39.45 -27.05 -4.24
CA LYS D 106 38.82 -28.12 -5.00
C LYS D 106 37.45 -27.67 -5.53
N VAL D 107 36.48 -27.59 -4.62
CA VAL D 107 35.14 -27.17 -5.00
C VAL D 107 35.11 -25.66 -5.19
N ILE D 108 34.45 -25.21 -6.25
CA ILE D 108 34.32 -23.79 -6.57
C ILE D 108 32.85 -23.49 -6.79
N PHE D 109 32.35 -22.44 -6.12
CA PHE D 109 30.95 -22.03 -6.24
C PHE D 109 30.83 -20.81 -7.15
N GLU D 110 30.76 -21.07 -8.46
CA GLU D 110 30.53 -19.98 -9.40
C GLU D 110 29.03 -19.70 -9.51
N LYS D 111 28.57 -18.60 -8.92
CA LYS D 111 27.18 -18.22 -9.07
C LYS D 111 26.86 -17.93 -10.54
N LEU D 112 25.76 -18.47 -11.01
CA LEU D 112 25.33 -18.28 -12.39
C LEU D 112 24.10 -17.38 -12.44
N ASP D 113 24.03 -16.56 -13.48
CA ASP D 113 22.88 -15.69 -13.76
C ASP D 113 22.29 -16.04 -15.13
N LEU D 114 21.18 -16.76 -15.10
CA LEU D 114 20.51 -17.23 -16.30
C LEU D 114 19.18 -16.54 -16.54
N LEU D 115 18.77 -15.62 -15.65
CA LEU D 115 17.53 -14.88 -15.79
C LEU D 115 17.82 -13.38 -15.74
N ASP D 116 17.10 -12.63 -16.56
CA ASP D 116 17.21 -11.18 -16.54
C ASP D 116 16.57 -10.61 -15.28
N SER D 117 17.02 -9.41 -14.90
CA SER D 117 16.47 -8.76 -13.71
C SER D 117 15.04 -8.34 -13.92
N ASP D 118 14.62 -8.15 -15.17
CA ASP D 118 13.27 -7.70 -15.46
C ASP D 118 12.24 -8.72 -14.97
N MET D 119 12.49 -10.01 -15.24
CA MET D 119 11.55 -11.04 -14.80
C MET D 119 11.59 -11.22 -13.29
N LYS D 120 12.74 -10.97 -12.67
CA LYS D 120 12.94 -11.21 -11.24
C LYS D 120 12.19 -10.15 -10.41
N LYS D 121 10.86 -10.27 -10.41
CA LYS D 121 10.01 -9.38 -9.63
C LYS D 121 9.09 -10.11 -8.66
N HIS D 122 9.02 -11.44 -8.77
CA HIS D 122 8.13 -12.20 -7.91
C HIS D 122 8.86 -13.20 -7.01
N SER D 123 8.20 -13.67 -5.97
CA SER D 123 8.84 -14.59 -5.06
C SER D 123 8.64 -16.04 -5.45
N PHE D 124 9.66 -16.66 -6.07
CA PHE D 124 9.53 -18.04 -6.42
C PHE D 124 9.54 -18.87 -5.17
N TRP D 125 8.76 -19.94 -5.12
CA TRP D 125 8.73 -20.77 -3.92
C TRP D 125 9.26 -22.21 -4.08
N ALA D 126 8.60 -22.95 -4.94
CA ALA D 126 8.95 -24.34 -5.17
C ALA D 126 10.00 -24.47 -6.26
N LEU D 127 10.54 -25.68 -6.40
CA LEU D 127 11.59 -25.95 -7.38
C LEU D 127 11.75 -27.46 -7.54
N LYS D 128 11.97 -27.89 -8.78
CA LYS D 128 12.24 -29.29 -9.08
C LYS D 128 12.82 -29.40 -10.48
N TRP D 129 13.87 -30.20 -10.63
CA TRP D 129 14.53 -30.37 -11.92
C TRP D 129 13.94 -31.55 -12.68
N GLY D 130 13.96 -31.43 -14.01
CA GLY D 130 13.52 -32.49 -14.88
C GLY D 130 14.60 -32.97 -15.83
N ALA D 131 14.98 -34.23 -15.71
CA ALA D 131 16.06 -34.78 -16.51
C ALA D 131 15.62 -35.00 -17.96
N SER D 132 16.60 -34.95 -18.86
CA SER D 132 16.32 -35.15 -20.28
C SER D 132 16.13 -36.62 -20.59
N ASN D 133 15.21 -36.90 -21.52
CA ASN D 133 14.92 -38.27 -21.92
C ASN D 133 15.95 -38.76 -22.95
N SER D 138 17.41 -32.03 -23.28
CA SER D 138 16.10 -31.46 -22.98
C SER D 138 15.85 -31.40 -21.49
N HIS D 139 16.79 -30.80 -20.75
CA HIS D 139 16.64 -30.65 -19.32
C HIS D 139 15.66 -29.52 -19.03
N ARG D 140 14.77 -29.74 -18.05
CA ARG D 140 13.70 -28.81 -17.75
C ARG D 140 13.68 -28.50 -16.26
N LEU D 141 13.27 -27.27 -15.94
CA LEU D 141 13.12 -26.82 -14.57
C LEU D 141 11.86 -25.97 -14.46
N VAL D 142 11.08 -26.19 -13.42
CA VAL D 142 9.88 -25.41 -13.13
C VAL D 142 9.93 -24.93 -11.69
N ALA D 143 9.14 -23.90 -11.40
CA ALA D 143 9.15 -23.27 -10.08
C ALA D 143 7.86 -22.48 -9.91
N THR D 144 7.13 -22.74 -8.82
CA THR D 144 5.89 -22.03 -8.57
C THR D 144 6.16 -20.72 -7.83
N ASP D 145 5.31 -19.73 -8.10
CA ASP D 145 5.36 -18.46 -7.42
C ASP D 145 4.52 -18.52 -6.14
N VAL D 146 4.70 -17.52 -5.28
CA VAL D 146 3.90 -17.43 -4.07
C VAL D 146 2.43 -17.19 -4.36
N LYS D 147 2.13 -16.41 -5.40
CA LYS D 147 0.74 -16.17 -5.76
C LYS D 147 0.07 -17.42 -6.32
N GLY D 148 0.78 -18.20 -7.13
CA GLY D 148 0.21 -19.42 -7.68
C GLY D 148 0.59 -19.69 -9.11
N THR D 149 1.31 -18.76 -9.74
CA THR D 149 1.79 -18.96 -11.10
C THR D 149 2.86 -20.05 -11.11
N THR D 150 2.94 -20.78 -12.23
CA THR D 150 3.87 -21.89 -12.38
C THR D 150 4.59 -21.74 -13.71
N TYR D 151 5.86 -21.33 -13.66
CA TYR D 151 6.65 -21.15 -14.85
C TYR D 151 7.32 -22.47 -15.26
N ILE D 152 7.64 -22.59 -16.54
CA ILE D 152 8.30 -23.77 -17.08
C ILE D 152 9.44 -23.36 -17.99
N TRP D 153 10.68 -23.58 -17.54
CA TRP D 153 11.85 -23.24 -18.34
C TRP D 153 12.32 -24.47 -19.14
N LYS D 154 13.43 -24.30 -19.85
CA LYS D 154 14.05 -25.40 -20.61
C LYS D 154 15.54 -25.10 -20.75
N PHE D 155 16.37 -26.10 -20.53
CA PHE D 155 17.82 -25.90 -20.50
C PHE D 155 18.42 -25.97 -21.90
N HIS D 156 19.29 -25.00 -22.21
CA HIS D 156 20.10 -25.01 -23.42
C HIS D 156 21.54 -24.67 -23.04
N PRO D 157 22.27 -25.62 -22.46
CA PRO D 157 23.64 -25.33 -22.01
C PRO D 157 24.62 -25.16 -23.17
N PHE D 158 24.51 -26.03 -24.18
CA PHE D 158 25.41 -26.09 -25.33
C PHE D 158 26.87 -25.84 -24.95
N ASN D 168 31.94 -19.73 -25.82
CA ASN D 168 31.58 -21.08 -26.24
C ASN D 168 30.67 -21.74 -25.21
N TRP D 169 30.88 -21.43 -23.94
CA TRP D 169 30.11 -21.99 -22.84
C TRP D 169 29.24 -20.90 -22.23
N SER D 170 27.93 -21.13 -22.23
CA SER D 170 26.98 -20.17 -21.66
C SER D 170 25.69 -20.88 -21.28
N PRO D 171 25.56 -21.36 -20.05
CA PRO D 171 24.28 -21.92 -19.62
C PRO D 171 23.18 -20.88 -19.70
N THR D 172 21.99 -21.32 -20.11
CA THR D 172 20.89 -20.39 -20.34
C THR D 172 19.58 -21.06 -19.99
N LEU D 173 18.73 -20.35 -19.25
CA LEU D 173 17.41 -20.84 -18.90
C LEU D 173 16.38 -20.11 -19.75
N GLU D 174 15.63 -20.85 -20.55
CA GLU D 174 14.70 -20.29 -21.52
C GLU D 174 13.28 -20.69 -21.14
N LEU D 175 12.36 -19.73 -21.11
CA LEU D 175 10.97 -20.00 -20.76
C LEU D 175 10.21 -20.66 -21.91
N GLN D 176 9.22 -21.49 -21.60
CA GLN D 176 8.43 -22.16 -22.62
C GLN D 176 6.95 -22.27 -22.25
N GLY D 177 6.56 -21.66 -21.13
CA GLY D 177 5.17 -21.73 -20.71
C GLY D 177 4.91 -21.29 -19.29
N THR D 178 3.65 -21.13 -18.92
CA THR D 178 3.25 -20.73 -17.58
C THR D 178 1.78 -21.00 -17.31
N VAL D 179 1.51 -22.04 -16.53
CA VAL D 179 0.15 -22.46 -16.21
C VAL D 179 -0.54 -21.72 -15.04
N GLU D 180 -1.10 -20.55 -15.34
CA GLU D 180 -1.80 -19.70 -14.39
C GLU D 180 -2.77 -20.42 -13.45
N SER D 181 -2.81 -20.00 -12.18
CA SER D 181 -3.67 -20.63 -11.19
C SER D 181 -5.12 -20.28 -11.49
N PRO D 182 -5.99 -21.26 -11.72
CA PRO D 182 -7.37 -20.93 -12.10
C PRO D 182 -8.18 -20.27 -11.00
N MET D 183 -7.84 -20.52 -9.74
CA MET D 183 -8.64 -20.04 -8.63
C MET D 183 -8.53 -18.53 -8.48
N THR D 184 -9.49 -17.95 -7.77
CA THR D 184 -9.51 -16.54 -7.43
C THR D 184 -10.29 -16.34 -6.14
N PRO D 185 -9.66 -15.89 -5.05
CA PRO D 185 -8.24 -15.51 -4.92
C PRO D 185 -7.30 -16.71 -4.91
N SER D 186 -6.06 -16.52 -5.35
CA SER D 186 -5.12 -17.62 -5.49
C SER D 186 -4.46 -17.97 -4.16
N GLN D 187 -3.99 -19.21 -4.07
CA GLN D 187 -3.44 -19.77 -2.84
C GLN D 187 -1.91 -19.77 -2.87
N PHE D 188 -1.30 -20.47 -1.91
CA PHE D 188 0.14 -20.38 -1.67
C PHE D 188 0.98 -21.10 -2.73
N ALA D 189 0.44 -22.11 -3.39
CA ALA D 189 1.15 -22.89 -4.41
C ALA D 189 2.42 -23.54 -3.82
N THR D 190 2.19 -24.48 -2.91
CA THR D 190 3.26 -25.06 -2.12
C THR D 190 4.26 -25.83 -2.98
N SER D 191 3.81 -26.91 -3.63
CA SER D 191 4.72 -27.89 -4.23
C SER D 191 4.57 -27.92 -5.75
N VAL D 192 5.37 -28.79 -6.37
CA VAL D 192 5.41 -28.90 -7.83
C VAL D 192 6.09 -30.22 -8.19
N ASP D 193 5.87 -30.67 -9.43
CA ASP D 193 6.53 -31.87 -9.95
C ASP D 193 6.68 -31.74 -11.46
N ILE D 194 7.66 -32.47 -12.00
CA ILE D 194 8.03 -32.41 -13.41
C ILE D 194 8.08 -33.81 -14.01
N SER D 195 7.15 -34.67 -13.56
CA SER D 195 7.14 -36.10 -13.89
C SER D 195 7.46 -36.42 -15.35
N GLU D 196 8.06 -37.60 -15.57
CA GLU D 196 8.73 -37.96 -16.83
C GLU D 196 7.87 -37.69 -18.06
N ARG D 197 6.74 -38.40 -18.19
CA ARG D 197 5.89 -38.25 -19.36
C ARG D 197 5.26 -36.86 -19.45
N GLY D 198 5.23 -36.13 -18.35
CA GLY D 198 4.79 -34.75 -18.33
C GLY D 198 3.44 -34.55 -17.66
N LEU D 199 3.49 -34.20 -16.37
CA LEU D 199 2.29 -33.87 -15.60
C LEU D 199 2.77 -33.00 -14.45
N ILE D 200 2.62 -31.68 -14.60
CA ILE D 200 3.15 -30.73 -13.62
C ILE D 200 2.09 -30.60 -12.54
N ALA D 201 2.16 -31.50 -11.56
CA ALA D 201 1.21 -31.52 -10.44
C ALA D 201 1.57 -30.40 -9.47
N THR D 202 1.05 -29.22 -9.76
CA THR D 202 1.28 -28.05 -8.91
C THR D 202 0.34 -28.10 -7.72
N GLY D 203 0.87 -28.49 -6.56
CA GLY D 203 0.08 -28.48 -5.35
C GLY D 203 -0.21 -27.07 -4.89
N PHE D 204 -1.15 -26.97 -3.95
CA PHE D 204 -1.61 -25.66 -3.49
C PHE D 204 -1.78 -25.71 -1.98
N ASN D 205 -2.27 -24.61 -1.41
CA ASN D 205 -2.43 -24.50 0.03
C ASN D 205 -3.75 -25.06 0.53
N ASN D 206 -4.68 -25.39 -0.36
CA ASN D 206 -5.90 -26.09 0.05
C ASN D 206 -6.37 -26.94 -1.13
N GLY D 207 -5.93 -28.21 -1.14
CA GLY D 207 -6.28 -29.11 -2.23
C GLY D 207 -5.91 -28.58 -3.59
N THR D 208 -6.88 -28.61 -4.52
CA THR D 208 -6.78 -28.15 -5.90
C THR D 208 -5.40 -28.37 -6.51
N VAL D 209 -4.98 -29.63 -6.62
CA VAL D 209 -3.69 -29.96 -7.21
C VAL D 209 -3.79 -29.82 -8.72
N GLN D 210 -3.30 -28.68 -9.23
CA GLN D 210 -3.31 -28.45 -10.67
C GLN D 210 -2.46 -29.48 -11.40
N ILE D 211 -3.02 -30.03 -12.47
CA ILE D 211 -2.35 -31.03 -13.29
C ILE D 211 -2.28 -30.52 -14.72
N SER D 212 -1.07 -30.49 -15.29
CA SER D 212 -0.86 -29.95 -16.62
C SER D 212 -0.06 -30.90 -17.49
N GLU D 213 0.39 -30.42 -18.64
CA GLU D 213 1.24 -31.19 -19.54
C GLU D 213 2.46 -30.36 -19.92
N LEU D 214 3.61 -31.03 -20.01
CA LEU D 214 4.87 -30.31 -20.24
C LEU D 214 4.97 -29.78 -21.67
N SER D 215 4.30 -30.42 -22.63
CA SER D 215 4.35 -30.01 -24.02
C SER D 215 3.08 -29.36 -24.51
N THR D 216 2.09 -29.17 -23.63
CA THR D 216 0.81 -28.59 -24.01
C THR D 216 0.39 -27.40 -23.17
N LEU D 217 0.82 -27.33 -21.90
CA LEU D 217 0.49 -26.25 -20.97
C LEU D 217 -1.02 -26.11 -20.77
N ARG D 218 -1.78 -27.12 -21.15
CA ARG D 218 -3.24 -27.10 -21.00
C ARG D 218 -3.63 -28.04 -19.87
N PRO D 219 -4.21 -27.52 -18.77
CA PRO D 219 -4.57 -28.40 -17.64
C PRO D 219 -5.43 -29.58 -18.04
N LEU D 220 -4.89 -30.80 -17.89
CA LEU D 220 -5.62 -32.00 -18.27
C LEU D 220 -6.78 -32.23 -17.30
N TYR D 221 -6.49 -32.14 -16.00
CA TYR D 221 -7.50 -32.11 -14.96
C TYR D 221 -7.25 -30.93 -14.01
N ASN D 222 -8.19 -30.69 -13.11
CA ASN D 222 -8.00 -29.78 -11.99
C ASN D 222 -8.58 -30.43 -10.73
N PHE D 223 -7.71 -31.00 -9.90
CA PHE D 223 -8.14 -31.80 -8.77
C PHE D 223 -8.63 -30.90 -7.64
N GLU D 224 -8.97 -31.51 -6.51
CA GLU D 224 -9.38 -30.80 -5.31
C GLU D 224 -9.30 -31.77 -4.14
N SER D 225 -9.48 -31.25 -2.94
CA SER D 225 -9.47 -32.06 -1.73
C SER D 225 -10.73 -32.93 -1.68
N GLN D 226 -10.55 -34.25 -1.68
CA GLN D 226 -11.70 -35.15 -1.63
C GLN D 226 -12.47 -35.04 -0.32
N HIS D 227 -11.88 -34.40 0.69
CA HIS D 227 -12.54 -34.21 1.97
C HIS D 227 -13.82 -33.42 1.76
N SER D 228 -14.94 -33.94 2.27
CA SER D 228 -16.23 -33.27 2.14
C SER D 228 -16.74 -32.82 3.50
N MET D 229 -15.82 -32.56 4.42
CA MET D 229 -16.17 -32.07 5.75
C MET D 229 -16.36 -30.56 5.73
N ILE D 230 -16.47 -29.96 6.92
CA ILE D 230 -16.70 -28.53 7.06
C ILE D 230 -15.53 -27.76 6.46
N ASN D 231 -15.77 -26.50 6.11
CA ASN D 231 -14.74 -25.64 5.51
C ASN D 231 -13.57 -25.45 6.46
N ASN D 232 -12.37 -25.77 6.01
CA ASN D 232 -11.18 -25.67 6.84
C ASN D 232 -10.00 -25.36 5.92
N SER D 233 -8.78 -25.48 6.46
CA SER D 233 -7.56 -25.19 5.72
C SER D 233 -6.67 -26.43 5.73
N ASN D 234 -6.95 -27.37 4.83
CA ASN D 234 -6.16 -28.60 4.70
C ASN D 234 -5.14 -28.38 3.60
N SER D 235 -3.88 -28.15 3.99
CA SER D 235 -2.84 -27.79 3.05
C SER D 235 -2.20 -29.03 2.44
N ILE D 236 -1.53 -28.83 1.31
CA ILE D 236 -0.79 -29.89 0.62
C ILE D 236 0.70 -29.65 0.84
N ARG D 237 1.39 -30.66 1.35
CA ARG D 237 2.80 -30.54 1.68
C ARG D 237 3.73 -31.15 0.63
N SER D 238 3.29 -32.18 -0.09
CA SER D 238 4.15 -32.80 -1.09
C SER D 238 3.29 -33.43 -2.18
N VAL D 239 3.80 -33.40 -3.41
CA VAL D 239 3.19 -34.07 -4.54
C VAL D 239 4.27 -34.82 -5.33
N LYS D 240 4.28 -36.14 -5.23
CA LYS D 240 5.31 -36.96 -5.86
C LYS D 240 4.67 -37.93 -6.83
N PHE D 241 5.38 -38.22 -7.92
CA PHE D 241 4.90 -39.15 -8.94
C PHE D 241 5.58 -40.50 -8.75
N SER D 242 5.35 -41.41 -9.71
CA SER D 242 5.91 -42.74 -9.83
C SER D 242 6.98 -42.77 -10.92
N PRO D 243 8.02 -43.59 -10.76
CA PRO D 243 9.04 -43.69 -11.81
C PRO D 243 8.47 -44.14 -13.16
N GLN D 244 7.46 -45.01 -13.15
CA GLN D 244 6.82 -45.43 -14.40
C GLN D 244 6.02 -44.29 -15.03
N GLY D 245 5.20 -43.61 -14.23
CA GLY D 245 4.41 -42.50 -14.73
C GLY D 245 2.92 -42.71 -14.59
N SER D 246 2.51 -43.66 -13.75
CA SER D 246 1.11 -43.98 -13.55
C SER D 246 0.56 -43.43 -12.24
N LEU D 247 1.20 -43.74 -11.13
CA LEU D 247 0.71 -43.33 -9.82
C LEU D 247 1.00 -41.85 -9.57
N LEU D 248 0.37 -41.33 -8.52
CA LEU D 248 0.61 -39.95 -8.08
C LEU D 248 0.26 -39.88 -6.60
N ALA D 249 1.30 -39.87 -5.75
CA ALA D 249 1.09 -39.74 -4.32
C ALA D 249 0.74 -38.31 -3.96
N ILE D 250 -0.16 -38.16 -2.99
CA ILE D 250 -0.62 -36.84 -2.53
C ILE D 250 -0.52 -36.87 -1.01
N ALA D 251 0.25 -35.96 -0.45
CA ALA D 251 0.40 -35.84 0.99
C ALA D 251 -0.20 -34.51 1.45
N HIS D 252 -1.17 -34.60 2.37
CA HIS D 252 -1.79 -33.41 2.93
C HIS D 252 -2.00 -33.63 4.42
N ASP D 253 -2.67 -32.68 5.06
CA ASP D 253 -2.94 -32.74 6.49
C ASP D 253 -4.38 -32.33 6.74
N SER D 254 -5.04 -33.00 7.69
CA SER D 254 -6.36 -32.58 8.13
C SER D 254 -6.26 -31.64 9.33
N ASN D 255 -5.35 -30.68 9.23
CA ASN D 255 -5.20 -29.54 10.14
C ASN D 255 -4.71 -29.96 11.52
N SER D 256 -4.69 -31.26 11.82
CA SER D 256 -4.02 -31.73 13.02
C SER D 256 -3.34 -33.08 12.85
N PHE D 257 -3.40 -33.70 11.67
CA PHE D 257 -2.86 -35.04 11.46
C PHE D 257 -2.22 -35.10 10.08
N GLY D 258 -1.73 -36.28 9.73
CA GLY D 258 -1.15 -36.49 8.41
C GLY D 258 -1.86 -37.58 7.63
N CYS D 259 -2.20 -37.31 6.38
CA CYS D 259 -2.90 -38.28 5.54
C CYS D 259 -2.27 -38.30 4.15
N ILE D 260 -2.27 -39.47 3.53
CA ILE D 260 -1.77 -39.65 2.18
C ILE D 260 -2.80 -40.40 1.36
N THR D 261 -3.23 -39.80 0.25
CA THR D 261 -4.26 -40.39 -0.61
C THR D 261 -3.74 -40.40 -2.05
N LEU D 262 -3.74 -41.57 -2.68
CA LEU D 262 -3.25 -41.68 -4.06
C LEU D 262 -4.25 -41.10 -5.05
N TYR D 263 -3.71 -40.43 -6.07
CA TYR D 263 -4.49 -39.85 -7.17
C TYR D 263 -3.98 -40.47 -8.47
N GLU D 264 -4.45 -41.66 -8.81
CA GLU D 264 -3.95 -42.36 -10.00
C GLU D 264 -4.43 -41.65 -11.25
N THR D 265 -3.50 -41.42 -12.18
CA THR D 265 -3.82 -40.74 -13.43
C THR D 265 -4.41 -41.69 -14.46
N GLY D 268 -9.41 -35.57 -7.43
CA GLY D 268 -8.66 -36.58 -8.15
C GLY D 268 -9.21 -37.98 -7.95
N GLU D 269 -8.82 -38.89 -8.84
CA GLU D 269 -9.30 -40.26 -8.74
C GLU D 269 -8.59 -40.99 -7.60
N ARG D 270 -9.38 -41.41 -6.61
CA ARG D 270 -8.83 -41.96 -5.38
C ARG D 270 -8.59 -43.46 -5.51
N ILE D 271 -7.38 -43.90 -5.14
CA ILE D 271 -7.07 -45.32 -5.03
C ILE D 271 -7.18 -45.81 -3.59
N GLY D 272 -6.89 -44.95 -2.62
CA GLY D 272 -6.95 -45.33 -1.23
C GLY D 272 -6.30 -44.31 -0.31
N SER D 273 -6.44 -44.49 0.99
CA SER D 273 -5.90 -43.58 2.00
C SER D 273 -5.05 -44.41 2.96
N LEU D 274 -3.73 -44.37 2.75
CA LEU D 274 -2.83 -45.10 3.63
C LEU D 274 -2.82 -44.45 5.01
N SER D 275 -3.07 -45.26 6.03
CA SER D 275 -3.17 -44.77 7.40
C SER D 275 -2.81 -45.92 8.34
N VAL D 276 -3.00 -45.68 9.64
CA VAL D 276 -2.75 -46.72 10.64
C VAL D 276 -3.97 -46.85 11.54
N PRO D 277 -4.27 -48.04 12.03
CA PRO D 277 -5.41 -48.20 12.95
C PRO D 277 -5.11 -47.65 14.33
N THR D 278 -6.18 -47.31 15.05
CA THR D 278 -6.07 -46.85 16.43
C THR D 278 -7.14 -47.50 17.30
N GLY D 286 -7.55 -43.56 13.48
CA GLY D 286 -8.59 -43.18 12.55
C GLY D 286 -8.06 -42.99 11.13
N GLU D 287 -8.58 -41.96 10.45
CA GLU D 287 -8.16 -41.67 9.08
C GLU D 287 -6.95 -40.73 9.10
N PHE D 288 -5.80 -41.24 9.55
CA PHE D 288 -4.58 -40.46 9.60
C PHE D 288 -3.37 -41.38 9.54
N ALA D 289 -2.30 -40.89 8.93
CA ALA D 289 -1.06 -41.67 8.83
C ALA D 289 -0.01 -41.23 9.84
N HIS D 290 -0.15 -40.03 10.41
CA HIS D 290 0.81 -39.50 11.36
C HIS D 290 0.06 -38.70 12.41
N SER D 291 0.75 -38.39 13.51
CA SER D 291 0.18 -37.60 14.58
C SER D 291 0.31 -36.10 14.33
N SER D 292 0.91 -35.71 13.21
CA SER D 292 1.05 -34.31 12.83
C SER D 292 1.12 -34.26 11.31
N TRP D 293 1.49 -33.11 10.77
CA TRP D 293 1.54 -32.95 9.33
C TRP D 293 2.60 -33.87 8.72
N VAL D 294 2.26 -34.43 7.55
CA VAL D 294 3.24 -35.16 6.75
C VAL D 294 3.98 -34.12 5.92
N MET D 295 5.13 -33.67 6.42
CA MET D 295 5.80 -32.52 5.83
C MET D 295 6.37 -32.84 4.46
N SER D 296 6.94 -34.03 4.29
CA SER D 296 7.51 -34.39 3.00
C SER D 296 7.53 -35.91 2.84
N LEU D 297 7.56 -36.34 1.60
CA LEU D 297 7.73 -37.75 1.28
C LEU D 297 8.23 -37.88 -0.16
N SER D 298 8.84 -39.02 -0.45
CA SER D 298 9.42 -39.26 -1.77
C SER D 298 9.17 -40.69 -2.19
N PHE D 299 9.13 -40.91 -3.50
CA PHE D 299 8.98 -42.24 -4.07
C PHE D 299 10.33 -42.96 -4.05
N ASN D 300 10.36 -44.16 -4.62
CA ASN D 300 11.55 -44.99 -4.67
C ASN D 300 12.07 -45.04 -6.10
N ASP D 301 13.19 -45.76 -6.28
CA ASP D 301 13.74 -45.96 -7.62
C ASP D 301 12.92 -46.94 -8.45
N SER D 302 12.44 -48.03 -7.83
CA SER D 302 11.57 -48.97 -8.50
C SER D 302 10.10 -48.62 -8.37
N GLY D 303 9.77 -47.61 -7.56
CA GLY D 303 8.38 -47.25 -7.34
C GLY D 303 7.59 -48.27 -6.55
N GLU D 304 8.24 -49.00 -5.65
CA GLU D 304 7.58 -50.04 -4.85
C GLU D 304 7.45 -49.66 -3.39
N THR D 305 8.01 -48.52 -2.98
CA THR D 305 7.91 -48.07 -1.59
C THR D 305 7.67 -46.57 -1.59
N LEU D 306 7.08 -46.09 -0.49
CA LEU D 306 6.79 -44.66 -0.30
C LEU D 306 7.18 -44.30 1.14
N CYS D 307 8.42 -43.86 1.32
CA CYS D 307 8.86 -43.39 2.62
C CYS D 307 8.13 -42.10 2.98
N SER D 308 7.96 -41.88 4.28
CA SER D 308 7.24 -40.72 4.77
C SER D 308 8.07 -39.99 5.80
N ALA D 309 7.96 -38.67 5.83
CA ALA D 309 8.62 -37.82 6.81
C ALA D 309 7.55 -36.98 7.49
N GLY D 310 7.33 -37.22 8.77
CA GLY D 310 6.28 -36.57 9.53
C GLY D 310 6.82 -35.69 10.62
N TRP D 311 6.03 -34.72 11.04
CA TRP D 311 6.40 -33.85 12.16
C TRP D 311 6.36 -34.63 13.46
N ASP D 312 5.73 -35.81 13.46
CA ASP D 312 5.72 -36.67 14.63
C ASP D 312 7.07 -37.35 14.87
N GLY D 313 8.00 -37.22 13.93
CA GLY D 313 9.36 -37.71 14.12
C GLY D 313 9.65 -39.07 13.53
N LYS D 314 8.63 -39.84 13.16
CA LYS D 314 8.83 -41.17 12.63
C LYS D 314 9.02 -41.13 11.12
N LEU D 315 9.55 -42.24 10.59
CA LEU D 315 9.69 -42.45 9.14
C LEU D 315 8.97 -43.76 8.80
N ARG D 316 7.66 -43.64 8.58
CA ARG D 316 6.86 -44.81 8.27
C ARG D 316 6.91 -45.10 6.77
N PHE D 317 7.30 -46.32 6.43
CA PHE D 317 7.45 -46.72 5.03
C PHE D 317 6.15 -47.39 4.57
N TRP D 318 5.57 -46.85 3.50
CA TRP D 318 4.31 -47.36 2.97
C TRP D 318 4.59 -48.35 1.85
N ASP D 319 3.52 -48.81 1.19
CA ASP D 319 3.62 -49.63 0.00
C ASP D 319 2.43 -49.34 -0.88
N VAL D 320 2.63 -49.48 -2.21
CA VAL D 320 1.59 -49.16 -3.17
C VAL D 320 0.63 -50.32 -3.41
N LYS D 321 0.88 -51.48 -2.80
CA LYS D 321 0.02 -52.65 -2.95
C LYS D 321 -0.68 -53.01 -1.65
N THR D 322 0.07 -53.25 -0.58
CA THR D 322 -0.53 -53.63 0.69
C THR D 322 -1.03 -52.44 1.50
N LYS D 323 -0.48 -51.25 1.27
CA LYS D 323 -0.88 -50.03 1.98
C LYS D 323 -0.81 -50.23 3.49
N GLU D 324 0.32 -50.77 3.94
CA GLU D 324 0.51 -51.08 5.35
C GLU D 324 1.88 -50.58 5.80
N ARG D 325 2.00 -50.31 7.10
CA ARG D 325 3.27 -49.85 7.65
C ARG D 325 4.32 -50.95 7.57
N ILE D 326 5.55 -50.57 7.23
CA ILE D 326 6.67 -51.48 7.14
C ILE D 326 7.60 -51.34 8.34
N THR D 327 8.01 -50.12 8.67
CA THR D 327 8.90 -49.90 9.79
C THR D 327 8.71 -48.48 10.30
N THR D 328 9.17 -48.25 11.53
CA THR D 328 9.07 -46.95 12.18
C THR D 328 10.44 -46.54 12.69
N LEU D 329 10.85 -45.32 12.39
CA LEU D 329 12.15 -44.78 12.78
C LEU D 329 11.93 -43.59 13.71
N ASN D 330 11.77 -43.88 15.00
CA ASN D 330 11.65 -42.82 15.98
C ASN D 330 13.00 -42.12 16.17
N MET D 331 12.95 -40.82 16.44
CA MET D 331 14.14 -40.01 16.62
C MET D 331 14.23 -39.51 18.06
N HIS D 332 15.47 -39.42 18.55
CA HIS D 332 15.77 -38.88 19.87
C HIS D 332 17.21 -38.39 19.86
N CYS D 333 17.57 -37.57 20.85
CA CYS D 333 18.87 -36.92 20.90
C CYS D 333 19.80 -37.56 21.94
N ASP D 334 19.77 -38.89 22.06
CA ASP D 334 20.59 -39.58 23.03
C ASP D 334 21.55 -40.58 22.40
N ASP D 335 21.83 -40.47 21.11
CA ASP D 335 22.75 -41.40 20.44
C ASP D 335 24.19 -41.23 20.88
N ILE D 336 24.63 -40.01 21.18
CA ILE D 336 26.00 -39.73 21.58
C ILE D 336 25.98 -39.09 22.97
N GLU D 337 26.81 -39.62 23.87
CA GLU D 337 26.84 -39.11 25.23
C GLU D 337 27.34 -37.66 25.28
N ILE D 338 28.34 -37.33 24.46
CA ILE D 338 28.90 -35.99 24.46
C ILE D 338 27.86 -35.02 23.89
N GLU D 339 27.72 -33.87 24.55
CA GLU D 339 26.68 -32.91 24.20
C GLU D 339 27.13 -31.88 23.17
N GLU D 340 28.42 -31.85 22.83
CA GLU D 340 28.93 -30.81 21.94
C GLU D 340 28.50 -31.01 20.49
N ASP D 341 28.19 -32.24 20.08
CA ASP D 341 27.79 -32.52 18.71
C ASP D 341 26.29 -32.68 18.56
N ILE D 342 25.59 -33.18 19.58
CA ILE D 342 24.15 -33.37 19.50
C ILE D 342 23.44 -32.10 19.95
N LEU D 343 22.28 -31.83 19.35
CA LEU D 343 21.45 -30.68 19.69
C LEU D 343 20.14 -31.20 20.25
N ALA D 344 19.80 -30.76 21.46
CA ALA D 344 18.57 -31.19 22.13
C ALA D 344 17.70 -30.04 22.60
N VAL D 345 18.22 -28.82 22.66
CA VAL D 345 17.49 -27.65 23.14
C VAL D 345 17.42 -26.63 22.01
N ASP D 346 16.25 -26.05 21.81
CA ASP D 346 16.05 -25.06 20.76
C ASP D 346 16.64 -23.72 21.21
N GLU D 347 16.40 -22.67 20.42
CA GLU D 347 16.93 -21.36 20.75
C GLU D 347 16.25 -20.76 21.98
N HIS D 348 15.01 -21.18 22.28
CA HIS D 348 14.26 -20.59 23.37
C HIS D 348 14.45 -21.33 24.69
N GLY D 349 14.52 -22.66 24.65
CA GLY D 349 14.71 -23.42 25.87
C GLY D 349 13.89 -24.69 25.94
N ASP D 350 13.05 -24.94 24.94
CA ASP D 350 12.29 -26.18 24.89
C ASP D 350 13.19 -27.33 24.46
N SER D 351 12.72 -28.54 24.73
CA SER D 351 13.47 -29.75 24.45
C SER D 351 13.05 -30.31 23.09
N LEU D 352 14.01 -30.40 22.16
CA LEU D 352 13.75 -30.99 20.85
C LEU D 352 13.99 -32.49 20.87
N ALA D 353 13.44 -33.16 21.89
CA ALA D 353 13.44 -34.62 21.90
C ALA D 353 12.45 -35.18 20.88
N GLU D 354 11.63 -34.30 20.31
CA GLU D 354 10.67 -34.65 19.26
C GLU D 354 10.92 -33.73 18.07
N PRO D 355 11.98 -33.98 17.30
CA PRO D 355 12.30 -33.10 16.18
C PRO D 355 11.43 -33.39 14.97
N GLY D 356 10.94 -32.32 14.34
CA GLY D 356 10.25 -32.46 13.08
C GLY D 356 11.21 -32.74 11.94
N VAL D 357 10.65 -33.19 10.83
CA VAL D 357 11.42 -33.53 9.63
C VAL D 357 10.85 -32.73 8.48
N PHE D 358 11.68 -31.90 7.85
CA PHE D 358 11.22 -31.05 6.76
C PHE D 358 11.38 -31.69 5.39
N ASP D 359 12.38 -32.54 5.21
CA ASP D 359 12.61 -33.12 3.88
C ASP D 359 13.48 -34.36 4.01
N VAL D 360 13.11 -35.39 3.25
CA VAL D 360 13.94 -36.57 3.06
C VAL D 360 13.99 -36.88 1.57
N LYS D 361 15.03 -37.60 1.17
CA LYS D 361 15.25 -37.91 -0.25
C LYS D 361 15.71 -39.34 -0.38
N PHE D 362 15.60 -39.87 -1.60
CA PHE D 362 16.07 -41.20 -1.95
C PHE D 362 17.27 -41.09 -2.89
N LEU D 363 18.25 -41.97 -2.68
CA LEU D 363 19.44 -42.05 -3.50
C LEU D 363 19.41 -43.35 -4.28
N LYS D 364 19.78 -43.29 -5.55
CA LYS D 364 19.74 -44.46 -6.41
C LYS D 364 20.86 -45.44 -6.02
N LYS D 365 20.94 -46.54 -6.75
CA LYS D 365 21.98 -47.53 -6.48
C LYS D 365 23.35 -46.97 -6.86
N GLY D 366 24.35 -47.29 -6.04
CA GLY D 366 25.69 -46.83 -6.32
C GLY D 366 25.91 -45.35 -6.11
N TRP D 367 25.08 -44.70 -5.30
CA TRP D 367 25.25 -43.28 -4.99
C TRP D 367 26.04 -43.08 -3.71
N ARG D 368 25.57 -43.69 -2.61
CA ARG D 368 26.32 -43.65 -1.36
C ARG D 368 27.48 -44.64 -1.41
N SER D 369 28.47 -44.38 -0.56
CA SER D 369 29.65 -45.23 -0.45
C SER D 369 29.77 -45.78 0.96
N GLY D 370 30.28 -46.99 1.07
CA GLY D 370 30.42 -47.68 2.33
C GLY D 370 29.96 -49.11 2.19
N MET D 371 29.74 -49.76 3.33
CA MET D 371 29.24 -51.12 3.31
C MET D 371 27.80 -51.15 2.81
N GLY D 372 27.46 -52.18 2.03
CA GLY D 372 26.13 -52.27 1.45
C GLY D 372 25.82 -51.14 0.49
N ALA D 373 26.84 -50.62 -0.21
CA ALA D 373 26.60 -49.52 -1.14
C ALA D 373 25.83 -49.98 -2.37
N ASP D 374 26.14 -51.16 -2.91
CA ASP D 374 25.48 -51.65 -4.11
C ASP D 374 24.30 -52.57 -3.82
N LEU D 375 24.38 -53.39 -2.77
CA LEU D 375 23.30 -54.31 -2.45
C LEU D 375 22.12 -53.61 -1.78
N ASN D 376 22.31 -52.38 -1.30
CA ASN D 376 21.26 -51.65 -0.61
C ASN D 376 21.11 -50.26 -1.24
N GLU D 377 19.93 -49.70 -1.08
CA GLU D 377 19.59 -48.39 -1.64
C GLU D 377 19.43 -47.42 -0.48
N SER D 378 20.19 -46.32 -0.51
CA SER D 378 20.30 -45.42 0.62
C SER D 378 19.36 -44.23 0.48
N LEU D 379 19.05 -43.61 1.62
CA LEU D 379 18.22 -42.43 1.69
C LEU D 379 18.75 -41.47 2.76
N CYS D 380 18.51 -40.18 2.54
CA CYS D 380 18.95 -39.14 3.46
C CYS D 380 17.75 -38.42 4.07
N CYS D 381 18.00 -37.70 5.16
CA CYS D 381 16.94 -37.03 5.89
C CYS D 381 17.47 -35.73 6.49
N VAL D 382 16.54 -34.83 6.81
CA VAL D 382 16.84 -33.54 7.42
C VAL D 382 15.86 -33.33 8.57
N CYS D 383 16.37 -33.12 9.77
CA CYS D 383 15.54 -33.05 10.97
C CYS D 383 15.40 -31.62 11.47
N LEU D 384 14.72 -31.45 12.60
CA LEU D 384 14.55 -30.14 13.23
C LEU D 384 15.77 -29.69 14.02
N ASP D 385 16.50 -30.62 14.63
CA ASP D 385 17.65 -30.27 15.44
C ASP D 385 18.89 -29.97 14.62
N ARG D 386 18.73 -29.68 13.33
CA ARG D 386 19.82 -29.35 12.43
C ARG D 386 20.86 -30.47 12.40
N SER D 387 20.41 -31.64 11.96
CA SER D 387 21.26 -32.82 11.91
C SER D 387 20.86 -33.65 10.70
N ILE D 388 21.70 -33.64 9.67
CA ILE D 388 21.46 -34.46 8.48
C ILE D 388 21.99 -35.86 8.74
N ARG D 389 21.09 -36.84 8.75
CA ARG D 389 21.43 -38.23 9.06
C ARG D 389 21.07 -39.10 7.86
N TRP D 390 22.09 -39.53 7.12
CA TRP D 390 21.87 -40.53 6.08
C TRP D 390 21.48 -41.86 6.70
N PHE D 391 20.60 -42.59 6.02
CA PHE D 391 20.03 -43.81 6.58
C PHE D 391 20.19 -44.96 5.62
N ARG D 392 20.22 -46.17 6.17
CA ARG D 392 20.31 -47.40 5.38
C ARG D 392 19.66 -48.52 6.18
N GLU D 393 18.79 -49.28 5.54
CA GLU D 393 18.11 -50.40 6.16
C GLU D 393 18.54 -51.70 5.50
N ALA D 394 18.91 -52.69 6.32
CA ALA D 394 19.37 -53.99 5.85
C ALA D 394 20.54 -53.85 4.88
#